data_4K1C
#
_entry.id   4K1C
#
_cell.length_a   130.110
_cell.length_b   130.110
_cell.length_c   156.750
_cell.angle_alpha   90.00
_cell.angle_beta   90.00
_cell.angle_gamma   120.00
#
_symmetry.space_group_name_H-M   'H 3'
#
loop_
_entity.id
_entity.type
_entity.pdbx_description
1 polymer 'Vacuolar calcium ion transporter'
2 non-polymer '(2R)-2,3-dihydroxypropyl (9Z)-octadec-9-enoate'
3 non-polymer 'CALCIUM ION'
4 non-polymer 'MANGANESE (II) ION'
5 non-polymer 'IODIDE ION'
6 water water
#
_entity_poly.entity_id   1
_entity_poly.type   'polypeptide(L)'
_entity_poly.pdbx_seq_one_letter_code
;GPSSPMDATTPLLTVANSHPARNPKHTAWRAAVYDLQYILKASPLNFLLVFVPLGLIWGHFQLSHTLTFLFNFLAIIPLA
AILANATEELADKAGNTIGGLLNATFGNAVELIVSIIALKKGQVRIVQASMLGSLLSNLLLVLGLCFIFGGYNRVQQTFN
QTAAQTMSSLLAIACASLLIPAAFRATLPHGKEDHFIDGKILELSRGTSIVILIVYVLFLYFQLGSHHALFEQQEEETDE
VMSTISRNPHHSLSVKSSLVILLGTTVIISFCADFLVGTIDNVVESTGLSKTFIGLIVIPIVGNAAEHVTSVLVAMKDKM
DLALGVAIGSSLQVALFVTPFMVLVGWMIDVPMTLNFSTFETATLFIAVFLSNYLILDGESNWLEGVMSLAMYILIAMAF
FYYPDEKTLDSIGNSLGLVPR
;
_entity_poly.pdbx_strand_id   A,B
#
# COMPACT_ATOMS: atom_id res chain seq x y z
N THR A 27 7.08 33.20 -16.50
CA THR A 27 7.76 31.94 -16.76
C THR A 27 8.46 31.42 -15.50
N ALA A 28 9.03 32.35 -14.73
CA ALA A 28 9.77 32.01 -13.51
C ALA A 28 8.95 31.17 -12.53
N TRP A 29 7.63 31.25 -12.63
CA TRP A 29 6.74 30.44 -11.82
C TRP A 29 6.42 29.13 -12.53
N ARG A 30 6.04 29.23 -13.80
CA ARG A 30 5.64 28.06 -14.58
C ARG A 30 6.81 27.16 -14.97
N ALA A 31 8.01 27.72 -15.04
CA ALA A 31 9.21 26.93 -15.31
C ALA A 31 9.61 26.15 -14.07
N ALA A 32 9.37 26.74 -12.90
CA ALA A 32 9.66 26.09 -11.64
C ALA A 32 8.74 24.90 -11.43
N VAL A 33 7.52 25.01 -11.93
CA VAL A 33 6.55 23.91 -11.86
C VAL A 33 7.00 22.74 -12.72
N TYR A 34 7.43 23.04 -13.95
CA TYR A 34 7.91 22.01 -14.86
C TYR A 34 9.17 21.33 -14.31
N ASP A 35 10.05 22.12 -13.69
CA ASP A 35 11.25 21.58 -13.07
C ASP A 35 10.89 20.58 -11.98
N LEU A 36 9.83 20.86 -11.25
CA LEU A 36 9.34 19.97 -10.21
C LEU A 36 8.77 18.70 -10.83
N GLN A 37 8.05 18.87 -11.95
CA GLN A 37 7.48 17.74 -12.68
C GLN A 37 8.60 16.84 -13.18
N TYR A 38 9.67 17.45 -13.68
CA TYR A 38 10.81 16.70 -14.21
C TYR A 38 11.44 15.82 -13.13
N ILE A 39 11.53 16.34 -11.92
CA ILE A 39 12.11 15.60 -10.80
C ILE A 39 11.23 14.43 -10.39
N LEU A 40 9.93 14.68 -10.25
CA LEU A 40 8.98 13.64 -9.85
C LEU A 40 8.87 12.53 -10.89
N LYS A 41 8.90 12.91 -12.16
CA LYS A 41 8.78 11.94 -13.25
C LYS A 41 10.07 11.17 -13.46
N ALA A 42 11.17 11.69 -12.94
CA ALA A 42 12.46 10.99 -13.01
C ALA A 42 12.63 10.08 -11.80
N SER A 43 11.69 10.16 -10.87
CA SER A 43 11.72 9.33 -9.67
C SER A 43 10.78 8.14 -9.83
N PRO A 44 11.31 6.93 -9.63
CA PRO A 44 10.61 5.66 -9.88
C PRO A 44 9.33 5.47 -9.05
N LEU A 45 9.49 5.43 -7.73
CA LEU A 45 8.39 5.08 -6.84
C LEU A 45 7.69 6.32 -6.26
N ASN A 46 7.32 7.25 -7.14
CA ASN A 46 6.72 8.51 -6.71
C ASN A 46 5.31 8.35 -6.15
N PHE A 47 4.68 7.23 -6.44
CA PHE A 47 3.31 6.99 -5.98
C PHE A 47 3.23 6.79 -4.47
N LEU A 48 4.37 6.54 -3.83
CA LEU A 48 4.42 6.38 -2.39
C LEU A 48 4.48 7.74 -1.67
N LEU A 49 4.48 8.82 -2.44
CA LEU A 49 4.48 10.15 -1.86
C LEU A 49 3.18 10.42 -1.09
N VAL A 50 2.16 9.63 -1.39
CA VAL A 50 0.89 9.72 -0.67
C VAL A 50 1.06 9.40 0.82
N PHE A 51 2.14 8.71 1.15
CA PHE A 51 2.41 8.35 2.54
C PHE A 51 3.17 9.44 3.29
N VAL A 52 3.63 10.45 2.56
CA VAL A 52 4.28 11.59 3.20
C VAL A 52 3.34 12.35 4.14
N PRO A 53 2.13 12.75 3.67
CA PRO A 53 1.24 13.41 4.63
C PRO A 53 0.81 12.46 5.74
N LEU A 54 0.52 11.21 5.39
CA LEU A 54 0.15 10.20 6.37
C LEU A 54 1.26 9.98 7.40
N GLY A 55 2.49 9.92 6.93
CA GLY A 55 3.64 9.80 7.81
C GLY A 55 3.77 10.99 8.73
N LEU A 56 3.63 12.18 8.16
CA LEU A 56 3.70 13.41 8.95
C LEU A 56 2.56 13.48 9.97
N ILE A 57 1.34 13.19 9.53
CA ILE A 57 0.18 13.19 10.41
C ILE A 57 0.35 12.22 11.57
N TRP A 58 0.61 10.95 11.24
CA TRP A 58 0.74 9.90 12.24
C TRP A 58 1.84 10.20 13.26
N GLY A 59 2.97 10.70 12.77
CA GLY A 59 4.10 11.01 13.63
C GLY A 59 3.86 12.19 14.54
N HIS A 60 3.36 13.28 13.96
CA HIS A 60 3.14 14.51 14.72
C HIS A 60 2.06 14.34 15.78
N PHE A 61 0.95 13.71 15.41
CA PHE A 61 -0.16 13.50 16.33
C PHE A 61 0.04 12.24 17.17
N GLN A 62 1.05 11.46 16.83
CA GLN A 62 1.41 10.25 17.58
C GLN A 62 0.24 9.29 17.70
N LEU A 63 -0.28 8.86 16.55
CA LEU A 63 -1.48 8.04 16.50
C LEU A 63 -1.24 6.59 16.92
N SER A 64 -0.44 5.88 16.15
CA SER A 64 -0.09 4.49 16.46
C SER A 64 1.31 4.20 15.98
N HIS A 65 2.13 3.66 16.87
CA HIS A 65 3.56 3.50 16.64
C HIS A 65 3.91 2.68 15.40
N THR A 66 3.23 1.54 15.24
CA THR A 66 3.50 0.64 14.12
C THR A 66 3.23 1.32 12.77
N LEU A 67 2.09 1.99 12.66
CA LEU A 67 1.75 2.68 11.43
C LEU A 67 2.59 3.94 11.23
N THR A 68 2.98 4.58 12.33
CA THR A 68 3.85 5.74 12.25
C THR A 68 5.19 5.32 11.67
N PHE A 69 5.65 4.13 12.05
CA PHE A 69 6.85 3.55 11.49
C PHE A 69 6.65 3.31 10.00
N LEU A 70 5.60 2.58 9.66
CA LEU A 70 5.36 2.16 8.28
C LEU A 70 5.13 3.31 7.32
N PHE A 71 4.29 4.26 7.71
CA PHE A 71 3.93 5.39 6.85
C PHE A 71 5.15 6.24 6.52
N ASN A 72 5.98 6.54 7.51
CA ASN A 72 7.20 7.29 7.27
C ASN A 72 8.25 6.46 6.55
N PHE A 73 8.28 5.17 6.86
CA PHE A 73 9.10 4.20 6.14
C PHE A 73 8.80 4.29 4.64
N LEU A 74 7.52 4.27 4.30
CA LEU A 74 7.09 4.37 2.91
C LEU A 74 7.31 5.76 2.34
N ALA A 75 7.21 6.77 3.21
CA ALA A 75 7.32 8.16 2.78
C ALA A 75 8.71 8.56 2.33
N ILE A 76 9.74 8.06 3.01
CA ILE A 76 11.11 8.45 2.72
C ILE A 76 11.59 7.88 1.38
N ILE A 77 11.07 6.71 1.03
CA ILE A 77 11.49 6.00 -0.20
C ILE A 77 11.44 6.85 -1.49
N PRO A 78 10.32 7.53 -1.78
CA PRO A 78 10.33 8.37 -2.99
C PRO A 78 11.18 9.61 -2.80
N LEU A 79 11.22 10.12 -1.58
CA LEU A 79 12.00 11.32 -1.25
C LEU A 79 13.48 11.11 -1.52
N ALA A 80 13.96 9.90 -1.28
CA ALA A 80 15.36 9.54 -1.51
C ALA A 80 15.71 9.70 -2.99
N ALA A 81 14.83 9.23 -3.87
CA ALA A 81 15.02 9.37 -5.30
C ALA A 81 14.93 10.83 -5.73
N ILE A 82 13.94 11.54 -5.18
CA ILE A 82 13.76 12.96 -5.44
C ILE A 82 15.00 13.74 -5.05
N LEU A 83 15.51 13.44 -3.86
CA LEU A 83 16.71 14.11 -3.35
C LEU A 83 17.93 13.74 -4.17
N ALA A 84 17.97 12.49 -4.65
CA ALA A 84 19.09 12.01 -5.45
C ALA A 84 19.18 12.79 -6.76
N ASN A 85 18.04 12.94 -7.42
CA ASN A 85 17.98 13.67 -8.68
C ASN A 85 18.23 15.16 -8.51
N ALA A 86 17.89 15.69 -7.35
CA ALA A 86 18.18 17.08 -7.03
C ALA A 86 19.67 17.27 -6.77
N THR A 87 20.25 16.33 -6.03
CA THR A 87 21.67 16.35 -5.73
C THR A 87 22.48 16.25 -7.01
N GLU A 88 22.09 15.32 -7.88
CA GLU A 88 22.79 15.09 -9.14
C GLU A 88 22.73 16.31 -10.06
N GLU A 89 21.56 16.93 -10.13
CA GLU A 89 21.38 18.11 -10.98
C GLU A 89 22.16 19.30 -10.46
N LEU A 90 22.27 19.40 -9.14
CA LEU A 90 23.05 20.47 -8.52
C LEU A 90 24.54 20.21 -8.66
N ALA A 91 24.95 18.95 -8.47
CA ALA A 91 26.35 18.59 -8.51
C ALA A 91 26.97 18.74 -9.91
N ASP A 92 26.14 18.58 -10.94
CA ASP A 92 26.61 18.72 -12.31
C ASP A 92 27.12 20.13 -12.60
N LYS A 93 26.42 21.13 -12.10
CA LYS A 93 26.80 22.52 -12.32
C LYS A 93 27.61 23.07 -11.16
N ALA A 94 27.94 22.20 -10.21
CA ALA A 94 28.70 22.60 -9.02
C ALA A 94 30.20 22.54 -9.28
N GLY A 95 30.59 21.78 -10.29
CA GLY A 95 32.00 21.59 -10.59
C GLY A 95 32.53 20.31 -9.99
N ASN A 96 33.74 19.94 -10.39
CA ASN A 96 34.34 18.68 -9.99
C ASN A 96 34.49 18.49 -8.48
N THR A 97 35.25 19.39 -7.85
CA THR A 97 35.54 19.29 -6.42
C THR A 97 34.29 19.33 -5.54
N ILE A 98 33.49 20.38 -5.71
CA ILE A 98 32.28 20.55 -4.90
C ILE A 98 31.24 19.48 -5.21
N GLY A 99 31.12 19.11 -6.48
CA GLY A 99 30.17 18.10 -6.91
C GLY A 99 30.36 16.76 -6.21
N GLY A 100 31.60 16.41 -5.96
CA GLY A 100 31.90 15.17 -5.26
C GLY A 100 31.55 15.22 -3.80
N LEU A 101 31.68 16.42 -3.22
CA LEU A 101 31.34 16.61 -1.81
C LEU A 101 29.82 16.57 -1.61
N LEU A 102 29.08 16.95 -2.66
CA LEU A 102 27.62 16.92 -2.62
C LEU A 102 27.10 15.49 -2.67
N ASN A 103 27.80 14.63 -3.41
CA ASN A 103 27.44 13.23 -3.50
C ASN A 103 27.84 12.46 -2.25
N ALA A 104 28.90 12.93 -1.58
CA ALA A 104 29.31 12.37 -0.31
C ALA A 104 28.27 12.72 0.75
N THR A 105 27.70 13.92 0.62
CA THR A 105 26.73 14.43 1.58
C THR A 105 25.31 14.03 1.23
N PHE A 106 24.71 14.79 0.32
CA PHE A 106 23.30 14.58 -0.04
C PHE A 106 23.08 13.32 -0.85
N GLY A 107 24.16 12.75 -1.39
CA GLY A 107 24.07 11.50 -2.11
C GLY A 107 23.83 10.34 -1.15
N ASN A 108 24.21 10.54 0.11
CA ASN A 108 24.01 9.54 1.15
C ASN A 108 23.13 10.06 2.27
N ALA A 109 22.35 11.09 1.96
CA ALA A 109 21.56 11.80 2.96
C ALA A 109 20.65 10.91 3.80
N VAL A 110 19.90 10.02 3.14
CA VAL A 110 18.98 9.15 3.84
C VAL A 110 19.68 8.30 4.90
N GLU A 111 20.74 7.60 4.49
CA GLU A 111 21.54 6.82 5.43
C GLU A 111 22.14 7.72 6.51
N LEU A 112 22.61 8.90 6.09
CA LEU A 112 23.20 9.85 7.02
C LEU A 112 22.20 10.38 8.04
N ILE A 113 21.11 10.95 7.54
CA ILE A 113 20.09 11.55 8.39
C ILE A 113 19.50 10.56 9.40
N VAL A 114 19.09 9.39 8.90
CA VAL A 114 18.51 8.36 9.76
C VAL A 114 19.50 7.89 10.84
N SER A 115 20.75 7.68 10.44
CA SER A 115 21.76 7.18 11.37
C SER A 115 22.15 8.23 12.42
N ILE A 116 22.26 9.48 11.98
CA ILE A 116 22.57 10.57 12.89
C ILE A 116 21.47 10.77 13.93
N ILE A 117 20.22 10.80 13.48
CA ILE A 117 19.07 10.89 14.38
C ILE A 117 19.05 9.71 15.34
N ALA A 118 19.32 8.51 14.81
CA ALA A 118 19.34 7.30 15.62
C ALA A 118 20.46 7.36 16.67
N LEU A 119 21.63 7.84 16.26
CA LEU A 119 22.74 8.02 17.18
C LEU A 119 22.40 9.00 18.29
N LYS A 120 21.71 10.08 17.94
CA LYS A 120 21.32 11.09 18.91
C LYS A 120 20.28 10.58 19.91
N LYS A 121 19.80 9.37 19.67
CA LYS A 121 18.86 8.71 20.58
C LYS A 121 19.48 7.43 21.16
N GLY A 122 20.78 7.27 20.96
CA GLY A 122 21.52 6.16 21.54
C GLY A 122 21.32 4.82 20.86
N GLN A 123 20.69 4.83 19.68
CA GLN A 123 20.42 3.59 18.95
C GLN A 123 21.62 3.10 18.15
N VAL A 124 22.69 2.73 18.87
CA VAL A 124 23.92 2.26 18.23
C VAL A 124 23.70 0.99 17.43
N ARG A 125 22.99 0.03 18.02
CA ARG A 125 22.71 -1.24 17.38
C ARG A 125 21.95 -1.05 16.07
N ILE A 126 21.02 -0.09 16.07
CA ILE A 126 20.22 0.21 14.88
C ILE A 126 21.11 0.72 13.76
N VAL A 127 22.02 1.64 14.09
CA VAL A 127 22.93 2.21 13.11
C VAL A 127 23.90 1.16 12.58
N GLN A 128 24.45 0.35 13.48
CA GLN A 128 25.36 -0.73 13.09
C GLN A 128 24.69 -1.71 12.14
N ALA A 129 23.46 -2.11 12.48
CA ALA A 129 22.72 -3.07 11.68
C ALA A 129 22.31 -2.50 10.32
N SER A 130 21.96 -1.21 10.31
CA SER A 130 21.50 -0.55 9.08
C SER A 130 22.63 -0.40 8.07
N MET A 131 23.82 -0.10 8.57
CA MET A 131 25.00 0.01 7.71
C MET A 131 25.31 -1.32 7.06
N LEU A 132 25.41 -2.35 7.88
CA LEU A 132 25.72 -3.70 7.40
C LEU A 132 24.59 -4.21 6.52
N GLY A 133 23.36 -3.93 6.92
CA GLY A 133 22.19 -4.34 6.16
C GLY A 133 22.12 -3.68 4.80
N SER A 134 22.54 -2.42 4.73
CA SER A 134 22.56 -1.70 3.47
C SER A 134 23.51 -2.40 2.50
N LEU A 135 24.66 -2.82 3.02
CA LEU A 135 25.62 -3.59 2.23
C LEU A 135 25.01 -4.92 1.78
N LEU A 136 24.41 -5.64 2.71
CA LEU A 136 23.78 -6.93 2.41
C LEU A 136 22.75 -6.82 1.30
N SER A 137 21.94 -5.77 1.36
CA SER A 137 20.89 -5.55 0.36
C SER A 137 21.48 -5.25 -1.02
N ASN A 138 22.57 -4.47 -1.04
CA ASN A 138 23.22 -4.15 -2.30
C ASN A 138 24.02 -5.31 -2.86
N LEU A 139 24.53 -6.17 -1.98
CA LEU A 139 25.36 -7.29 -2.39
C LEU A 139 24.54 -8.46 -2.90
N LEU A 140 23.42 -8.73 -2.24
CA LEU A 140 22.63 -9.92 -2.52
C LEU A 140 21.25 -9.63 -3.09
N LEU A 141 20.51 -8.76 -2.43
CA LEU A 141 19.11 -8.52 -2.78
C LEU A 141 18.94 -7.95 -4.18
N VAL A 142 19.47 -6.75 -4.41
CA VAL A 142 19.34 -6.11 -5.71
C VAL A 142 20.09 -6.91 -6.77
N LEU A 143 21.14 -7.61 -6.35
CA LEU A 143 21.87 -8.51 -7.25
C LEU A 143 20.93 -9.58 -7.77
N GLY A 144 20.23 -10.26 -6.85
CA GLY A 144 19.28 -11.28 -7.21
C GLY A 144 18.17 -10.75 -8.09
N LEU A 145 17.61 -9.61 -7.71
CA LEU A 145 16.52 -8.99 -8.46
C LEU A 145 16.93 -8.61 -9.87
N CYS A 146 18.13 -8.06 -10.02
CA CYS A 146 18.64 -7.66 -11.32
C CYS A 146 18.90 -8.87 -12.23
N PHE A 147 19.43 -9.94 -11.65
CA PHE A 147 19.73 -11.14 -12.43
C PHE A 147 18.44 -11.85 -12.85
N ILE A 148 17.44 -11.81 -11.97
CA ILE A 148 16.14 -12.41 -12.26
C ILE A 148 15.39 -11.65 -13.35
N PHE A 149 15.11 -10.36 -13.09
CA PHE A 149 14.31 -9.56 -14.02
C PHE A 149 15.02 -9.29 -15.34
N GLY A 150 16.34 -9.24 -15.31
CA GLY A 150 17.12 -9.03 -16.51
C GLY A 150 17.37 -10.31 -17.28
N GLY A 151 17.33 -11.45 -16.58
CA GLY A 151 17.72 -12.71 -17.17
C GLY A 151 16.60 -13.69 -17.49
N TYR A 152 15.38 -13.39 -17.04
CA TYR A 152 14.27 -14.33 -17.21
C TYR A 152 13.97 -14.61 -18.69
N ASN A 153 14.18 -13.60 -19.54
CA ASN A 153 13.90 -13.73 -20.96
C ASN A 153 15.17 -13.80 -21.80
N ARG A 154 16.30 -14.07 -21.15
CA ARG A 154 17.57 -14.17 -21.85
C ARG A 154 18.35 -15.39 -21.38
N VAL A 155 19.30 -15.85 -22.19
CA VAL A 155 20.16 -16.95 -21.79
C VAL A 155 21.08 -16.46 -20.68
N GLN A 156 21.85 -15.42 -20.97
CA GLN A 156 22.76 -14.86 -19.98
C GLN A 156 22.94 -13.37 -20.19
N GLN A 157 23.54 -12.71 -19.22
CA GLN A 157 23.91 -11.31 -19.35
C GLN A 157 25.37 -11.15 -18.96
N THR A 158 26.12 -10.46 -19.81
CA THR A 158 27.56 -10.34 -19.62
C THR A 158 27.97 -8.98 -19.08
N PHE A 159 29.07 -8.96 -18.33
CA PHE A 159 29.60 -7.73 -17.78
C PHE A 159 31.10 -7.85 -17.54
N ASN A 160 31.76 -8.64 -18.40
CA ASN A 160 33.21 -8.80 -18.34
C ASN A 160 33.94 -7.51 -18.68
N GLN A 161 35.05 -7.26 -17.99
CA GLN A 161 35.92 -6.12 -18.28
C GLN A 161 35.19 -4.78 -18.24
N THR A 162 34.25 -4.64 -17.31
CA THR A 162 33.49 -3.40 -17.16
C THR A 162 33.92 -2.66 -15.91
N ALA A 163 33.43 -1.43 -15.77
CA ALA A 163 33.68 -0.63 -14.58
C ALA A 163 33.08 -1.29 -13.34
N ALA A 164 32.05 -2.09 -13.56
CA ALA A 164 31.38 -2.80 -12.46
C ALA A 164 32.34 -3.75 -11.78
N GLN A 165 33.08 -4.53 -12.57
CA GLN A 165 34.05 -5.47 -12.01
C GLN A 165 35.16 -4.73 -11.26
N THR A 166 35.62 -3.62 -11.84
CA THR A 166 36.65 -2.79 -11.23
C THR A 166 36.20 -2.30 -9.86
N MET A 167 35.02 -1.68 -9.81
CA MET A 167 34.48 -1.18 -8.56
C MET A 167 34.21 -2.31 -7.57
N SER A 168 33.86 -3.47 -8.10
CA SER A 168 33.57 -4.63 -7.27
C SER A 168 34.81 -5.05 -6.48
N SER A 169 35.96 -5.03 -7.14
CA SER A 169 37.23 -5.35 -6.50
C SER A 169 37.52 -4.41 -5.33
N LEU A 170 37.30 -3.12 -5.56
CA LEU A 170 37.47 -2.11 -4.53
C LEU A 170 36.53 -2.38 -3.36
N LEU A 171 35.30 -2.75 -3.68
CA LEU A 171 34.29 -3.03 -2.67
C LEU A 171 34.68 -4.21 -1.79
N ALA A 172 35.31 -5.22 -2.41
CA ALA A 172 35.74 -6.40 -1.68
C ALA A 172 36.73 -6.03 -0.59
N ILE A 173 37.67 -5.13 -0.91
CA ILE A 173 38.66 -4.68 0.07
C ILE A 173 38.02 -3.75 1.10
N ALA A 174 37.10 -2.92 0.66
CA ALA A 174 36.41 -1.97 1.54
C ALA A 174 35.64 -2.67 2.65
N CYS A 175 34.85 -3.68 2.29
CA CYS A 175 34.05 -4.42 3.26
C CYS A 175 34.91 -5.23 4.21
N ALA A 176 35.95 -5.86 3.68
CA ALA A 176 36.88 -6.62 4.52
C ALA A 176 37.53 -5.73 5.55
N SER A 177 37.95 -4.55 5.12
CA SER A 177 38.60 -3.59 6.02
C SER A 177 37.65 -3.12 7.11
N LEU A 178 36.40 -2.85 6.74
CA LEU A 178 35.39 -2.39 7.67
C LEU A 178 35.08 -3.46 8.73
N LEU A 179 35.25 -4.72 8.35
CA LEU A 179 34.90 -5.84 9.23
C LEU A 179 36.04 -6.28 10.15
N ILE A 180 37.22 -5.71 9.96
CA ILE A 180 38.40 -6.09 10.75
C ILE A 180 38.22 -5.96 12.27
N PRO A 181 37.75 -4.80 12.75
CA PRO A 181 37.55 -4.72 14.20
C PRO A 181 36.51 -5.72 14.71
N ALA A 182 35.50 -6.00 13.90
CA ALA A 182 34.46 -6.96 14.27
C ALA A 182 35.01 -8.37 14.29
N ALA A 183 35.78 -8.72 13.26
CA ALA A 183 36.45 -10.02 13.21
C ALA A 183 37.42 -10.16 14.38
N PHE A 184 37.98 -9.03 14.80
CA PHE A 184 38.89 -9.01 15.94
C PHE A 184 38.20 -9.44 17.23
N ARG A 185 37.09 -8.79 17.58
CA ARG A 185 36.39 -9.11 18.81
C ARG A 185 35.77 -10.50 18.78
N ALA A 186 35.29 -10.90 17.61
CA ALA A 186 34.68 -12.22 17.44
C ALA A 186 35.70 -13.33 17.71
N THR A 187 36.96 -13.06 17.41
CA THR A 187 38.00 -14.08 17.53
C THR A 187 38.85 -13.94 18.79
N LEU A 188 38.35 -13.20 19.77
CA LEU A 188 39.06 -13.04 21.03
C LEU A 188 38.96 -14.31 21.87
N PRO A 189 40.06 -14.69 22.54
CA PRO A 189 40.08 -15.82 23.46
C PRO A 189 39.30 -15.53 24.73
N PHE A 196 37.99 -2.44 30.84
CA PHE A 196 39.06 -3.29 30.31
C PHE A 196 39.09 -3.25 28.79
N ILE A 197 38.59 -4.32 28.17
CA ILE A 197 38.59 -4.45 26.72
C ILE A 197 37.57 -3.50 26.07
N ASP A 198 36.65 -2.99 26.87
CA ASP A 198 35.58 -2.12 26.39
C ASP A 198 36.08 -0.85 25.70
N GLY A 199 37.03 -0.17 26.35
CA GLY A 199 37.54 1.08 25.83
C GLY A 199 38.46 0.91 24.63
N LYS A 200 39.01 -0.29 24.48
CA LYS A 200 39.93 -0.57 23.39
C LYS A 200 39.20 -0.86 22.08
N ILE A 201 38.04 -1.51 22.19
CA ILE A 201 37.19 -1.75 21.03
C ILE A 201 36.73 -0.41 20.46
N LEU A 202 36.40 0.52 21.34
CA LEU A 202 36.01 1.87 20.96
C LEU A 202 37.17 2.58 20.27
N GLU A 203 38.35 2.48 20.87
CA GLU A 203 39.54 3.14 20.34
C GLU A 203 39.95 2.54 18.99
N LEU A 204 39.80 1.23 18.85
CA LEU A 204 40.12 0.54 17.60
C LEU A 204 39.16 0.93 16.48
N SER A 205 37.87 0.97 16.79
CA SER A 205 36.86 1.36 15.81
C SER A 205 37.07 2.79 15.31
N ARG A 206 37.50 3.66 16.22
CA ARG A 206 37.70 5.06 15.90
C ARG A 206 38.97 5.29 15.09
N GLY A 207 40.02 4.56 15.45
CA GLY A 207 41.26 4.61 14.69
C GLY A 207 41.06 4.02 13.31
N THR A 208 40.30 2.93 13.24
CA THR A 208 39.97 2.28 11.98
C THR A 208 39.19 3.22 11.08
N SER A 209 38.25 3.95 11.66
CA SER A 209 37.41 4.87 10.90
C SER A 209 38.20 6.01 10.31
N ILE A 210 39.22 6.48 11.03
CA ILE A 210 40.11 7.51 10.52
C ILE A 210 40.82 7.00 9.26
N VAL A 211 41.33 5.77 9.35
CA VAL A 211 42.03 5.15 8.23
C VAL A 211 41.12 4.99 7.01
N ILE A 212 39.95 4.39 7.23
CA ILE A 212 38.98 4.18 6.16
C ILE A 212 38.53 5.49 5.52
N LEU A 213 38.35 6.53 6.33
CA LEU A 213 37.96 7.84 5.81
C LEU A 213 39.08 8.49 5.00
N ILE A 214 40.33 8.20 5.35
CA ILE A 214 41.46 8.63 4.54
C ILE A 214 41.36 7.95 3.18
N VAL A 215 41.03 6.67 3.20
CA VAL A 215 40.84 5.90 1.97
C VAL A 215 39.72 6.51 1.13
N TYR A 216 38.63 6.88 1.79
CA TYR A 216 37.49 7.49 1.11
C TYR A 216 37.88 8.77 0.37
N VAL A 217 38.72 9.59 1.00
CA VAL A 217 39.20 10.80 0.36
C VAL A 217 40.00 10.46 -0.89
N LEU A 218 40.87 9.46 -0.77
CA LEU A 218 41.66 8.98 -1.91
C LEU A 218 40.76 8.34 -2.96
N PHE A 219 39.66 7.75 -2.51
CA PHE A 219 38.66 7.20 -3.42
C PHE A 219 37.99 8.33 -4.21
N LEU A 220 37.79 9.47 -3.57
CA LEU A 220 37.25 10.64 -4.24
C LEU A 220 38.24 11.19 -5.27
N TYR A 221 39.53 11.20 -4.92
CA TYR A 221 40.56 11.59 -5.87
C TYR A 221 40.62 10.62 -7.04
N PHE A 222 40.37 9.35 -6.74
CA PHE A 222 40.28 8.32 -7.77
C PHE A 222 39.06 8.60 -8.64
N GLN A 223 37.93 8.84 -7.98
CA GLN A 223 36.66 9.07 -8.68
C GLN A 223 36.64 10.35 -9.50
N LEU A 224 37.14 11.44 -8.92
CA LEU A 224 37.01 12.75 -9.53
C LEU A 224 38.29 13.19 -10.24
N GLY A 225 39.38 12.48 -10.02
CA GLY A 225 40.65 12.84 -10.61
C GLY A 225 41.13 11.87 -11.68
N SER A 226 42.09 11.02 -11.31
CA SER A 226 42.76 10.14 -12.26
C SER A 226 41.82 9.28 -13.09
N HIS A 227 40.76 8.78 -12.46
CA HIS A 227 39.83 7.88 -13.13
C HIS A 227 38.44 8.50 -13.29
N HIS A 228 38.42 9.81 -13.48
CA HIS A 228 37.16 10.54 -13.64
C HIS A 228 36.39 10.07 -14.87
N ALA A 229 37.11 9.75 -15.93
CA ALA A 229 36.49 9.33 -17.19
C ALA A 229 35.72 8.02 -17.04
N LEU A 230 36.25 7.12 -16.21
CA LEU A 230 35.61 5.84 -15.97
C LEU A 230 34.24 6.00 -15.32
N PHE A 231 34.17 6.82 -14.27
CA PHE A 231 32.93 7.04 -13.54
C PHE A 231 31.97 7.95 -14.28
N GLU A 232 32.51 8.92 -15.01
CA GLU A 232 31.68 9.86 -15.75
C GLU A 232 30.90 9.16 -16.85
N GLN A 233 31.59 8.34 -17.63
CA GLN A 233 30.96 7.61 -18.71
C GLN A 233 29.88 6.66 -18.17
N GLN A 234 30.17 6.03 -17.04
CA GLN A 234 29.20 5.14 -16.42
C GLN A 234 27.97 5.90 -15.94
N GLU A 235 28.18 7.12 -15.44
CA GLU A 235 27.09 7.97 -14.97
C GLU A 235 26.21 8.43 -16.13
N GLU A 236 26.85 8.89 -17.20
CA GLU A 236 26.14 9.35 -18.38
C GLU A 236 25.31 8.24 -19.01
N GLU A 237 25.92 7.06 -19.14
CA GLU A 237 25.22 5.90 -19.69
C GLU A 237 23.99 5.57 -18.85
N THR A 238 24.16 5.58 -17.54
CA THR A 238 23.06 5.28 -16.62
C THR A 238 21.95 6.32 -16.72
N ASP A 239 22.32 7.59 -16.87
CA ASP A 239 21.35 8.66 -17.05
C ASP A 239 20.58 8.49 -18.36
N GLU A 240 21.31 8.16 -19.42
CA GLU A 240 20.72 7.96 -20.74
C GLU A 240 19.68 6.85 -20.74
N VAL A 241 20.00 5.73 -20.10
CA VAL A 241 19.08 4.61 -20.00
C VAL A 241 17.87 4.97 -19.16
N MET A 242 18.12 5.74 -18.10
CA MET A 242 17.05 6.15 -17.19
C MET A 242 16.09 7.13 -17.86
N SER A 243 16.63 7.99 -18.72
CA SER A 243 15.81 8.94 -19.45
C SER A 243 14.94 8.20 -20.46
N THR A 244 15.47 7.12 -21.00
CA THR A 244 14.77 6.29 -21.96
C THR A 244 13.55 5.62 -21.30
N ILE A 245 13.77 5.04 -20.13
CA ILE A 245 12.72 4.36 -19.39
C ILE A 245 11.68 5.33 -18.81
N SER A 246 12.17 6.37 -18.14
CA SER A 246 11.30 7.35 -17.51
C SER A 246 10.52 8.15 -18.55
N ARG A 247 11.06 8.20 -19.76
CA ARG A 247 10.40 8.84 -20.91
C ARG A 247 10.15 10.33 -20.70
N ASN A 248 11.22 11.07 -20.42
CA ASN A 248 11.16 12.52 -20.36
C ASN A 248 12.51 13.13 -20.76
N PRO A 249 12.48 14.09 -21.71
CA PRO A 249 13.68 14.75 -22.23
C PRO A 249 14.53 15.35 -21.10
N HIS A 250 15.83 15.11 -21.14
CA HIS A 250 16.74 15.56 -20.10
C HIS A 250 16.72 17.08 -19.96
N HIS A 251 16.33 17.56 -18.79
CA HIS A 251 16.23 18.98 -18.52
C HIS A 251 17.10 19.34 -17.32
N SER A 252 18.09 20.20 -17.54
CA SER A 252 19.00 20.61 -16.47
C SER A 252 18.38 21.69 -15.59
N LEU A 253 18.00 21.31 -14.37
CA LEU A 253 17.45 22.26 -13.42
C LEU A 253 18.48 23.30 -13.02
N SER A 254 18.04 24.54 -12.87
CA SER A 254 18.92 25.63 -12.45
C SER A 254 19.44 25.37 -11.04
N VAL A 255 20.52 26.06 -10.68
CA VAL A 255 21.09 25.95 -9.35
C VAL A 255 20.04 26.30 -8.30
N LYS A 256 19.28 27.35 -8.56
CA LYS A 256 18.24 27.81 -7.66
C LYS A 256 17.12 26.77 -7.52
N SER A 257 16.65 26.26 -8.65
CA SER A 257 15.54 25.31 -8.67
C SER A 257 15.91 23.99 -7.96
N SER A 258 17.12 23.51 -8.21
CA SER A 258 17.56 22.26 -7.61
C SER A 258 17.87 22.41 -6.12
N LEU A 259 18.40 23.57 -5.74
CA LEU A 259 18.78 23.81 -4.35
C LEU A 259 17.55 23.93 -3.45
N VAL A 260 16.44 24.42 -4.01
CA VAL A 260 15.19 24.48 -3.27
C VAL A 260 14.67 23.07 -3.00
N ILE A 261 14.60 22.27 -4.06
CA ILE A 261 14.16 20.88 -3.93
C ILE A 261 15.09 20.11 -3.00
N LEU A 262 16.38 20.38 -3.11
CA LEU A 262 17.39 19.72 -2.28
C LEU A 262 17.15 19.98 -0.80
N LEU A 263 17.02 21.25 -0.44
CA LEU A 263 16.81 21.61 0.96
C LEU A 263 15.38 21.31 1.39
N GLY A 264 14.46 21.33 0.42
CA GLY A 264 13.08 21.03 0.69
C GLY A 264 12.87 19.57 1.01
N THR A 265 13.38 18.70 0.14
CA THR A 265 13.26 17.25 0.33
C THR A 265 13.99 16.83 1.61
N THR A 266 15.10 17.49 1.90
CA THR A 266 15.94 17.14 3.04
C THR A 266 15.22 17.35 4.38
N VAL A 267 14.55 18.48 4.54
CA VAL A 267 13.85 18.76 5.80
C VAL A 267 12.65 17.83 5.99
N ILE A 268 12.03 17.41 4.89
CA ILE A 268 10.90 16.50 4.98
C ILE A 268 11.37 15.12 5.42
N ILE A 269 12.45 14.65 4.81
CA ILE A 269 13.07 13.38 5.18
C ILE A 269 13.44 13.39 6.66
N SER A 270 14.02 14.49 7.11
CA SER A 270 14.42 14.65 8.50
C SER A 270 13.25 14.47 9.47
N PHE A 271 12.11 15.05 9.11
CA PHE A 271 10.89 14.90 9.89
C PHE A 271 10.44 13.45 9.91
N CYS A 272 10.34 12.84 8.74
CA CYS A 272 9.91 11.45 8.62
C CYS A 272 10.90 10.49 9.27
N ALA A 273 12.20 10.79 9.15
CA ALA A 273 13.23 9.96 9.78
C ALA A 273 13.13 10.02 11.29
N ASP A 274 12.90 11.22 11.82
CA ASP A 274 12.78 11.41 13.26
C ASP A 274 11.58 10.64 13.81
N PHE A 275 10.46 10.71 13.09
CA PHE A 275 9.25 9.98 13.48
C PHE A 275 9.51 8.48 13.45
N LEU A 276 10.11 8.02 12.35
CA LEU A 276 10.43 6.61 12.17
C LEU A 276 11.32 6.06 13.30
N VAL A 277 12.41 6.78 13.56
CA VAL A 277 13.37 6.36 14.58
C VAL A 277 12.75 6.39 15.99
N GLY A 278 11.87 7.37 16.23
CA GLY A 278 11.24 7.52 17.53
C GLY A 278 10.30 6.40 17.91
N THR A 279 9.94 5.57 16.94
CA THR A 279 8.97 4.50 17.17
C THR A 279 9.63 3.12 17.24
N ILE A 280 10.95 3.08 17.05
CA ILE A 280 11.67 1.81 16.98
C ILE A 280 11.46 0.91 18.20
N ASP A 281 11.66 1.47 19.40
CA ASP A 281 11.48 0.71 20.63
C ASP A 281 10.08 0.13 20.74
N ASN A 282 9.08 0.91 20.34
CA ASN A 282 7.69 0.47 20.39
C ASN A 282 7.39 -0.63 19.37
N VAL A 283 7.87 -0.44 18.15
CA VAL A 283 7.69 -1.45 17.10
C VAL A 283 8.38 -2.76 17.49
N VAL A 284 9.57 -2.63 18.07
CA VAL A 284 10.30 -3.77 18.60
C VAL A 284 9.48 -4.49 19.68
N GLU A 285 8.77 -3.72 20.48
CA GLU A 285 7.98 -4.28 21.58
C GLU A 285 6.65 -4.87 21.12
N SER A 286 5.92 -4.13 20.29
CA SER A 286 4.64 -4.59 19.78
C SER A 286 4.79 -5.83 18.90
N THR A 287 5.68 -5.75 17.92
CA THR A 287 6.01 -6.92 17.10
C THR A 287 7.05 -7.75 17.85
N GLY A 288 7.42 -8.89 17.29
CA GLY A 288 8.41 -9.75 17.93
C GLY A 288 9.80 -9.53 17.36
N LEU A 289 9.93 -8.50 16.53
CA LEU A 289 11.17 -8.24 15.81
C LEU A 289 12.22 -7.55 16.67
N SER A 290 13.47 -8.01 16.56
CA SER A 290 14.57 -7.41 17.31
C SER A 290 15.06 -6.15 16.62
N LYS A 291 15.84 -5.35 17.34
CA LYS A 291 16.45 -4.16 16.75
C LYS A 291 17.42 -4.56 15.64
N THR A 292 18.08 -5.69 15.83
CA THR A 292 19.01 -6.21 14.83
C THR A 292 18.29 -6.50 13.52
N PHE A 293 17.17 -7.22 13.60
CA PHE A 293 16.42 -7.56 12.40
C PHE A 293 15.89 -6.31 11.71
N ILE A 294 15.25 -5.44 12.47
CA ILE A 294 14.72 -4.18 11.95
C ILE A 294 15.81 -3.33 11.32
N GLY A 295 16.95 -3.28 11.99
CA GLY A 295 18.09 -2.53 11.48
C GLY A 295 18.69 -3.16 10.24
N LEU A 296 18.81 -4.48 10.24
CA LEU A 296 19.52 -5.16 9.15
C LEU A 296 18.66 -5.41 7.91
N ILE A 297 17.36 -5.60 8.10
CA ILE A 297 16.49 -5.99 7.00
C ILE A 297 15.50 -4.90 6.59
N VAL A 298 14.93 -4.21 7.58
CA VAL A 298 13.88 -3.23 7.31
C VAL A 298 14.43 -1.85 6.93
N ILE A 299 15.23 -1.27 7.84
CA ILE A 299 15.82 0.05 7.63
C ILE A 299 16.54 0.28 6.28
N PRO A 300 17.41 -0.66 5.85
CA PRO A 300 18.13 -0.42 4.60
C PRO A 300 17.23 -0.22 3.38
N ILE A 301 16.03 -0.79 3.41
CA ILE A 301 15.08 -0.65 2.31
C ILE A 301 14.77 0.82 2.03
N VAL A 302 14.72 1.61 3.09
CA VAL A 302 14.40 3.03 3.00
C VAL A 302 15.30 3.78 2.02
N GLY A 303 16.61 3.64 2.17
CA GLY A 303 17.56 4.35 1.32
C GLY A 303 17.98 3.60 0.07
N ASN A 304 17.47 2.39 -0.10
CA ASN A 304 17.88 1.56 -1.23
C ASN A 304 16.79 1.26 -2.26
N ALA A 305 15.54 1.26 -1.80
CA ALA A 305 14.41 0.83 -2.65
C ALA A 305 14.34 1.55 -3.99
N ALA A 306 14.49 2.87 -3.97
CA ALA A 306 14.47 3.66 -5.20
C ALA A 306 15.64 3.29 -6.10
N GLU A 307 16.83 3.21 -5.52
CA GLU A 307 18.02 2.81 -6.26
C GLU A 307 17.89 1.38 -6.80
N HIS A 308 17.29 0.49 -6.00
CA HIS A 308 17.08 -0.89 -6.42
C HIS A 308 16.17 -0.98 -7.65
N VAL A 309 15.07 -0.24 -7.63
CA VAL A 309 14.16 -0.19 -8.76
C VAL A 309 14.88 0.30 -10.01
N THR A 310 15.71 1.32 -9.83
CA THR A 310 16.55 1.85 -10.91
C THR A 310 17.43 0.75 -11.49
N SER A 311 18.16 0.05 -10.62
CA SER A 311 19.07 -1.01 -11.04
C SER A 311 18.34 -2.12 -11.81
N VAL A 312 17.18 -2.52 -11.32
CA VAL A 312 16.40 -3.56 -11.95
C VAL A 312 15.96 -3.17 -13.35
N LEU A 313 15.41 -1.97 -13.49
CA LEU A 313 14.94 -1.47 -14.78
C LEU A 313 16.08 -1.40 -15.80
N VAL A 314 17.27 -1.01 -15.35
CA VAL A 314 18.42 -0.95 -16.23
C VAL A 314 18.87 -2.36 -16.64
N ALA A 315 18.84 -3.29 -15.68
CA ALA A 315 19.18 -4.68 -15.95
C ALA A 315 18.22 -5.29 -16.97
N MET A 316 16.98 -4.83 -16.98
CA MET A 316 16.00 -5.33 -17.94
C MET A 316 16.26 -4.79 -19.33
N LYS A 317 17.04 -3.71 -19.42
CA LYS A 317 17.46 -3.17 -20.71
C LYS A 317 18.76 -3.82 -21.16
N ASP A 318 19.12 -4.93 -20.51
CA ASP A 318 20.32 -5.70 -20.83
C ASP A 318 21.59 -4.87 -20.67
N LYS A 319 21.66 -4.11 -19.58
CA LYS A 319 22.84 -3.35 -19.25
C LYS A 319 23.20 -3.58 -17.79
N MET A 320 23.57 -4.82 -17.49
CA MET A 320 23.83 -5.28 -16.13
C MET A 320 24.98 -4.53 -15.47
N ASP A 321 26.01 -4.20 -16.25
CA ASP A 321 27.17 -3.50 -15.73
C ASP A 321 26.79 -2.17 -15.09
N LEU A 322 25.86 -1.45 -15.72
CA LEU A 322 25.37 -0.19 -15.17
C LEU A 322 24.53 -0.47 -13.93
N ALA A 323 23.68 -1.49 -14.02
CA ALA A 323 22.83 -1.90 -12.91
C ALA A 323 23.66 -2.25 -11.69
N LEU A 324 24.71 -3.05 -11.91
CA LEU A 324 25.61 -3.43 -10.83
C LEU A 324 26.35 -2.18 -10.32
N GLY A 325 26.72 -1.31 -11.26
CA GLY A 325 27.43 -0.08 -10.93
C GLY A 325 26.73 0.77 -9.89
N VAL A 326 25.42 0.90 -10.01
CA VAL A 326 24.63 1.66 -9.04
C VAL A 326 24.74 1.04 -7.65
N ALA A 327 24.50 -0.27 -7.58
CA ALA A 327 24.52 -0.98 -6.31
C ALA A 327 25.91 -0.99 -5.66
N ILE A 328 26.94 -1.19 -6.47
CA ILE A 328 28.31 -1.23 -5.97
C ILE A 328 28.75 0.15 -5.48
N GLY A 329 28.37 1.18 -6.24
CA GLY A 329 28.69 2.55 -5.86
C GLY A 329 28.10 2.93 -4.52
N SER A 330 26.87 2.50 -4.27
CA SER A 330 26.19 2.82 -3.03
C SER A 330 26.84 2.09 -1.85
N SER A 331 27.30 0.87 -2.11
CA SER A 331 27.97 0.08 -1.10
C SER A 331 29.31 0.70 -0.72
N LEU A 332 30.00 1.23 -1.72
CA LEU A 332 31.26 1.92 -1.52
C LEU A 332 31.09 3.12 -0.59
N GLN A 333 30.00 3.85 -0.77
CA GLN A 333 29.71 5.00 0.07
C GLN A 333 29.43 4.61 1.51
N VAL A 334 28.68 3.53 1.69
CA VAL A 334 28.34 3.05 3.02
C VAL A 334 29.59 2.52 3.74
N ALA A 335 30.41 1.77 3.02
CA ALA A 335 31.60 1.15 3.61
C ALA A 335 32.73 2.14 3.84
N LEU A 336 32.98 3.01 2.85
CA LEU A 336 34.11 3.93 2.92
C LEU A 336 33.79 5.25 3.60
N PHE A 337 32.53 5.69 3.53
CA PHE A 337 32.16 6.97 4.10
C PHE A 337 31.16 6.89 5.25
N VAL A 338 29.93 6.49 4.95
CA VAL A 338 28.83 6.58 5.90
C VAL A 338 29.09 5.87 7.22
N THR A 339 29.47 4.61 7.15
CA THR A 339 29.72 3.82 8.36
C THR A 339 30.85 4.36 9.25
N PRO A 340 32.06 4.59 8.68
CA PRO A 340 33.10 5.11 9.56
C PRO A 340 32.82 6.54 10.04
N PHE A 341 32.11 7.32 9.23
CA PHE A 341 31.76 8.69 9.61
C PHE A 341 30.81 8.68 10.80
N MET A 342 29.94 7.69 10.85
CA MET A 342 28.99 7.56 11.96
C MET A 342 29.68 7.32 13.29
N VAL A 343 30.79 6.59 13.28
CA VAL A 343 31.55 6.40 14.51
C VAL A 343 32.29 7.68 14.88
N LEU A 344 32.65 8.47 13.86
CA LEU A 344 33.25 9.78 14.10
C LEU A 344 32.22 10.73 14.70
N VAL A 345 31.00 10.71 14.14
CA VAL A 345 29.89 11.49 14.67
C VAL A 345 29.64 11.08 16.12
N GLY A 346 29.66 9.78 16.38
CA GLY A 346 29.46 9.26 17.72
C GLY A 346 30.51 9.75 18.68
N TRP A 347 31.74 9.85 18.19
CA TRP A 347 32.86 10.33 18.98
C TRP A 347 32.62 11.79 19.38
N MET A 348 32.08 12.57 18.44
CA MET A 348 31.83 13.99 18.67
C MET A 348 30.71 14.24 19.67
N ILE A 349 29.65 13.44 19.60
CA ILE A 349 28.48 13.64 20.45
C ILE A 349 28.43 12.65 21.62
N ASP A 350 29.55 11.99 21.88
CA ASP A 350 29.72 11.11 23.04
C ASP A 350 28.76 9.92 23.08
N VAL A 351 28.47 9.33 21.92
CA VAL A 351 27.76 8.05 21.88
C VAL A 351 28.69 6.99 21.30
N PRO A 352 28.85 5.87 22.03
CA PRO A 352 29.85 4.85 21.67
C PRO A 352 29.50 4.04 20.41
N MET A 353 29.37 4.74 19.28
CA MET A 353 29.19 4.07 18.00
C MET A 353 30.49 3.35 17.61
N THR A 354 30.39 2.06 17.33
CA THR A 354 31.57 1.27 17.02
C THR A 354 31.39 0.47 15.73
N LEU A 355 32.47 -0.18 15.29
CA LEU A 355 32.40 -1.12 14.19
C LEU A 355 32.29 -2.53 14.74
N ASN A 356 31.83 -2.62 15.98
CA ASN A 356 31.73 -3.90 16.68
C ASN A 356 30.45 -4.65 16.33
N PHE A 357 30.32 -5.03 15.05
CA PHE A 357 29.15 -5.78 14.60
C PHE A 357 29.08 -7.13 15.28
N SER A 358 27.89 -7.73 15.30
CA SER A 358 27.73 -9.05 15.88
C SER A 358 28.49 -10.07 15.05
N THR A 359 28.83 -11.19 15.68
CA THR A 359 29.59 -12.23 15.01
C THR A 359 28.88 -12.77 13.77
N PHE A 360 27.58 -13.01 13.90
CA PHE A 360 26.79 -13.52 12.78
C PHE A 360 26.76 -12.52 11.65
N GLU A 361 26.55 -11.24 11.99
CA GLU A 361 26.58 -10.16 11.01
C GLU A 361 27.91 -10.14 10.27
N THR A 362 28.99 -10.24 11.03
CA THR A 362 30.33 -10.24 10.48
C THR A 362 30.51 -11.40 9.51
N ALA A 363 30.15 -12.59 9.95
CA ALA A 363 30.26 -13.78 9.10
C ALA A 363 29.38 -13.65 7.87
N THR A 364 28.15 -13.19 8.07
CA THR A 364 27.18 -13.01 6.99
C THR A 364 27.68 -12.08 5.89
N LEU A 365 28.22 -10.94 6.31
CA LEU A 365 28.73 -9.96 5.34
C LEU A 365 29.89 -10.55 4.54
N PHE A 366 30.78 -11.28 5.21
CA PHE A 366 31.87 -11.97 4.53
C PHE A 366 31.36 -12.94 3.47
N ILE A 367 30.30 -13.68 3.81
CA ILE A 367 29.68 -14.60 2.86
C ILE A 367 29.20 -13.83 1.64
N ALA A 368 28.42 -12.78 1.88
CA ALA A 368 27.83 -11.98 0.82
C ALA A 368 28.89 -11.33 -0.04
N VAL A 369 29.95 -10.85 0.59
CA VAL A 369 31.06 -10.24 -0.14
C VAL A 369 31.75 -11.23 -1.08
N PHE A 370 32.07 -12.42 -0.57
CA PHE A 370 32.69 -13.45 -1.39
C PHE A 370 31.82 -13.78 -2.60
N LEU A 371 30.56 -14.12 -2.34
CA LEU A 371 29.67 -14.57 -3.39
C LEU A 371 29.42 -13.50 -4.45
N SER A 372 28.98 -12.33 -4.00
CA SER A 372 28.69 -11.23 -4.92
C SER A 372 29.89 -10.95 -5.81
N ASN A 373 31.06 -10.80 -5.20
CA ASN A 373 32.29 -10.57 -5.93
C ASN A 373 32.65 -11.73 -6.86
N TYR A 374 32.40 -12.94 -6.41
CA TYR A 374 32.62 -14.13 -7.24
C TYR A 374 31.68 -14.11 -8.44
N LEU A 375 30.41 -13.81 -8.18
CA LEU A 375 29.41 -13.75 -9.23
C LEU A 375 29.71 -12.62 -10.22
N ILE A 376 30.09 -11.46 -9.68
CA ILE A 376 30.43 -10.32 -10.52
C ILE A 376 31.69 -10.61 -11.34
N LEU A 377 32.61 -11.36 -10.74
CA LEU A 377 33.86 -11.70 -11.42
C LEU A 377 33.69 -12.78 -12.50
N ASP A 378 32.70 -13.66 -12.34
CA ASP A 378 32.46 -14.69 -13.37
C ASP A 378 32.03 -14.07 -14.69
N GLY A 379 31.47 -12.87 -14.63
CA GLY A 379 31.22 -12.07 -15.81
C GLY A 379 29.87 -12.30 -16.48
N GLU A 380 29.27 -13.45 -16.24
CA GLU A 380 27.98 -13.77 -16.86
C GLU A 380 26.97 -14.23 -15.83
N SER A 381 25.82 -13.58 -15.80
CA SER A 381 24.76 -13.97 -14.90
C SER A 381 23.60 -14.60 -15.66
N ASN A 382 22.74 -15.29 -14.92
CA ASN A 382 21.50 -15.82 -15.48
C ASN A 382 20.40 -15.65 -14.45
N TRP A 383 19.18 -15.99 -14.80
CA TRP A 383 18.06 -15.78 -13.89
C TRP A 383 18.13 -16.70 -12.67
N LEU A 384 18.80 -17.83 -12.82
CA LEU A 384 18.95 -18.77 -11.70
C LEU A 384 19.93 -18.25 -10.65
N GLU A 385 21.01 -17.61 -11.10
CA GLU A 385 21.94 -16.96 -10.17
C GLU A 385 21.19 -15.93 -9.33
N GLY A 386 20.20 -15.30 -9.94
CA GLY A 386 19.38 -14.31 -9.25
C GLY A 386 18.39 -14.92 -8.28
N VAL A 387 17.76 -16.01 -8.68
CA VAL A 387 16.84 -16.72 -7.80
C VAL A 387 17.57 -17.18 -6.55
N MET A 388 18.76 -17.75 -6.74
CA MET A 388 19.56 -18.27 -5.63
C MET A 388 20.09 -17.17 -4.71
N SER A 389 20.54 -16.07 -5.29
CA SER A 389 20.99 -14.93 -4.50
C SER A 389 19.84 -14.37 -3.67
N LEU A 390 18.68 -14.23 -4.31
CA LEU A 390 17.48 -13.76 -3.63
C LEU A 390 17.07 -14.72 -2.51
N ALA A 391 17.14 -16.02 -2.81
CA ALA A 391 16.80 -17.04 -1.82
C ALA A 391 17.73 -16.94 -0.62
N MET A 392 19.02 -16.73 -0.89
CA MET A 392 20.01 -16.65 0.17
C MET A 392 19.78 -15.43 1.06
N TYR A 393 19.44 -14.31 0.46
CA TYR A 393 19.12 -13.11 1.23
C TYR A 393 17.93 -13.38 2.16
N ILE A 394 16.91 -14.04 1.61
CA ILE A 394 15.75 -14.45 2.40
C ILE A 394 16.16 -15.38 3.54
N LEU A 395 17.03 -16.34 3.24
CA LEU A 395 17.53 -17.27 4.24
C LEU A 395 18.30 -16.54 5.34
N ILE A 396 19.04 -15.50 4.95
CA ILE A 396 19.77 -14.68 5.91
C ILE A 396 18.80 -13.90 6.79
N ALA A 397 17.81 -13.27 6.14
CA ALA A 397 16.77 -12.54 6.86
C ALA A 397 16.01 -13.48 7.78
N MET A 398 15.77 -14.69 7.30
CA MET A 398 15.07 -15.70 8.08
C MET A 398 15.90 -16.07 9.31
N ALA A 399 17.21 -16.19 9.12
CA ALA A 399 18.11 -16.50 10.22
C ALA A 399 18.18 -15.34 11.22
N PHE A 400 18.25 -14.12 10.71
CA PHE A 400 18.29 -12.94 11.58
C PHE A 400 16.96 -12.72 12.29
N PHE A 401 15.90 -13.28 11.73
CA PHE A 401 14.59 -13.24 12.36
C PHE A 401 14.61 -14.04 13.67
N TYR A 402 15.46 -15.06 13.71
CA TYR A 402 15.58 -15.92 14.89
C TYR A 402 16.70 -15.48 15.83
N TYR A 403 17.44 -14.46 15.43
CA TYR A 403 18.55 -13.96 16.24
C TYR A 403 18.01 -13.41 17.57
N PRO A 404 18.64 -13.81 18.68
CA PRO A 404 18.16 -13.46 20.03
C PRO A 404 18.36 -11.99 20.36
N ASP A 405 17.34 -11.38 20.94
CA ASP A 405 17.42 -9.98 21.38
C ASP A 405 17.95 -9.91 22.80
N GLU A 406 17.61 -10.92 23.60
CA GLU A 406 18.05 -10.98 24.99
C GLU A 406 18.53 -12.40 25.35
N THR B 27 -11.27 -35.97 10.41
CA THR B 27 -12.09 -34.82 10.80
C THR B 27 -12.59 -34.07 9.57
N ALA B 28 -12.03 -34.38 8.41
CA ALA B 28 -12.40 -33.71 7.17
C ALA B 28 -13.70 -34.25 6.58
N TRP B 29 -14.33 -35.18 7.29
CA TRP B 29 -15.61 -35.73 6.87
C TRP B 29 -16.65 -35.57 7.98
N ARG B 30 -16.20 -35.08 9.13
CA ARG B 30 -17.08 -34.89 10.27
C ARG B 30 -16.92 -33.51 10.91
N ALA B 31 -15.79 -33.29 11.56
CA ALA B 31 -15.54 -32.03 12.26
C ALA B 31 -15.52 -30.84 11.31
N ALA B 32 -15.01 -31.05 10.10
CA ALA B 32 -14.96 -29.99 9.10
C ALA B 32 -16.36 -29.65 8.59
N VAL B 33 -17.12 -30.68 8.23
CA VAL B 33 -18.43 -30.52 7.60
C VAL B 33 -19.38 -29.60 8.35
N TYR B 34 -19.76 -29.99 9.57
CA TYR B 34 -20.71 -29.22 10.36
C TYR B 34 -20.17 -27.86 10.78
N ASP B 35 -18.85 -27.70 10.72
CA ASP B 35 -18.21 -26.42 11.01
C ASP B 35 -18.17 -25.53 9.77
N LEU B 36 -18.02 -26.15 8.60
CA LEU B 36 -18.11 -25.41 7.34
C LEU B 36 -19.55 -25.02 7.08
N GLN B 37 -20.47 -25.72 7.74
CA GLN B 37 -21.90 -25.43 7.62
C GLN B 37 -22.38 -24.52 8.76
N TYR B 38 -21.52 -24.31 9.75
CA TYR B 38 -21.84 -23.42 10.86
C TYR B 38 -21.94 -21.98 10.37
N ILE B 39 -21.18 -21.67 9.33
CA ILE B 39 -21.26 -20.36 8.68
C ILE B 39 -22.33 -20.40 7.58
N LEU B 40 -22.50 -21.57 6.97
CA LEU B 40 -23.45 -21.75 5.88
C LEU B 40 -24.90 -21.54 6.32
N LYS B 41 -25.10 -21.18 7.59
CA LYS B 41 -26.44 -20.89 8.11
C LYS B 41 -26.84 -19.46 7.78
N ALA B 42 -26.02 -18.50 8.22
CA ALA B 42 -26.27 -17.09 7.96
C ALA B 42 -25.49 -16.66 6.71
N SER B 43 -26.00 -15.70 5.95
CA SER B 43 -27.26 -15.00 6.21
C SER B 43 -28.45 -15.79 5.67
N PRO B 44 -29.63 -15.63 6.30
CA PRO B 44 -30.87 -16.28 5.87
C PRO B 44 -31.20 -16.11 4.39
N LEU B 45 -30.29 -16.52 3.52
CA LEU B 45 -30.48 -16.48 2.07
C LEU B 45 -29.78 -17.68 1.45
N ASN B 46 -29.77 -18.80 2.17
CA ASN B 46 -29.09 -20.01 1.75
C ASN B 46 -29.69 -20.65 0.49
N PHE B 47 -30.97 -20.37 0.25
CA PHE B 47 -31.68 -20.98 -0.86
C PHE B 47 -31.17 -20.53 -2.23
N LEU B 48 -30.28 -19.55 -2.25
CA LEU B 48 -29.67 -19.09 -3.50
C LEU B 48 -28.36 -19.81 -3.80
N LEU B 49 -27.94 -20.67 -2.88
CA LEU B 49 -26.70 -21.41 -3.07
C LEU B 49 -26.81 -22.42 -4.20
N VAL B 50 -28.05 -22.80 -4.54
CA VAL B 50 -28.30 -23.74 -5.62
C VAL B 50 -27.91 -23.14 -6.97
N PHE B 51 -27.88 -21.81 -7.04
CA PHE B 51 -27.52 -21.12 -8.27
C PHE B 51 -26.00 -21.01 -8.44
N VAL B 52 -25.26 -21.32 -7.38
CA VAL B 52 -23.81 -21.29 -7.45
C VAL B 52 -23.23 -22.34 -8.42
N PRO B 53 -23.65 -23.62 -8.29
CA PRO B 53 -23.16 -24.55 -9.32
C PRO B 53 -23.82 -24.25 -10.67
N LEU B 54 -25.10 -23.89 -10.63
CA LEU B 54 -25.83 -23.53 -11.85
C LEU B 54 -25.15 -22.37 -12.58
N GLY B 55 -24.69 -21.38 -11.82
CA GLY B 55 -24.02 -20.24 -12.40
C GLY B 55 -22.71 -20.62 -13.04
N LEU B 56 -21.91 -21.42 -12.34
CA LEU B 56 -20.64 -21.88 -12.85
C LEU B 56 -20.81 -22.76 -14.09
N ILE B 57 -21.81 -23.64 -14.05
CA ILE B 57 -22.09 -24.53 -15.17
C ILE B 57 -22.51 -23.75 -16.42
N TRP B 58 -23.53 -22.91 -16.30
CA TRP B 58 -24.04 -22.15 -17.43
C TRP B 58 -23.04 -21.10 -17.92
N GLY B 59 -22.05 -20.79 -17.09
CA GLY B 59 -21.02 -19.84 -17.44
C GLY B 59 -19.84 -20.50 -18.14
N HIS B 60 -19.33 -21.57 -17.53
CA HIS B 60 -18.18 -22.30 -18.07
C HIS B 60 -18.53 -23.00 -19.38
N PHE B 61 -19.75 -23.52 -19.48
CA PHE B 61 -20.22 -24.17 -20.70
C PHE B 61 -20.71 -23.13 -21.70
N GLN B 62 -20.81 -21.88 -21.25
CA GLN B 62 -21.23 -20.76 -22.09
C GLN B 62 -22.56 -21.05 -22.79
N LEU B 63 -23.58 -21.37 -22.01
CA LEU B 63 -24.88 -21.71 -22.55
C LEU B 63 -25.71 -20.47 -22.90
N SER B 64 -26.53 -20.04 -21.95
CA SER B 64 -27.38 -18.87 -22.15
C SER B 64 -26.82 -17.66 -21.41
N HIS B 65 -26.54 -16.60 -22.16
CA HIS B 65 -25.94 -15.39 -21.61
C HIS B 65 -26.85 -14.70 -20.60
N THR B 66 -28.14 -14.62 -20.92
CA THR B 66 -29.11 -13.99 -20.05
C THR B 66 -29.29 -14.80 -18.76
N LEU B 67 -29.20 -16.11 -18.88
CA LEU B 67 -29.30 -17.00 -17.72
C LEU B 67 -27.99 -17.10 -16.96
N THR B 68 -26.87 -16.92 -17.67
CA THR B 68 -25.57 -16.90 -17.03
C THR B 68 -25.48 -15.71 -16.08
N PHE B 69 -25.96 -14.56 -16.55
CA PHE B 69 -26.04 -13.36 -15.73
C PHE B 69 -26.93 -13.61 -14.52
N LEU B 70 -28.15 -14.08 -14.78
CA LEU B 70 -29.15 -14.28 -13.74
C LEU B 70 -28.69 -15.25 -12.64
N PHE B 71 -28.14 -16.39 -13.05
CA PHE B 71 -27.72 -17.41 -12.10
C PHE B 71 -26.53 -16.95 -11.26
N ASN B 72 -25.54 -16.33 -11.91
CA ASN B 72 -24.40 -15.79 -11.20
C ASN B 72 -24.75 -14.55 -10.39
N PHE B 73 -25.81 -13.86 -10.80
CA PHE B 73 -26.36 -12.76 -10.02
C PHE B 73 -26.86 -13.33 -8.69
N LEU B 74 -27.66 -14.39 -8.79
CA LEU B 74 -28.23 -15.01 -7.61
C LEU B 74 -27.20 -15.81 -6.82
N ALA B 75 -26.10 -16.17 -7.48
CA ALA B 75 -25.07 -16.98 -6.85
C ALA B 75 -24.22 -16.19 -5.86
N ILE B 76 -23.83 -14.98 -6.27
CA ILE B 76 -22.95 -14.14 -5.45
C ILE B 76 -23.63 -13.67 -4.17
N ILE B 77 -24.94 -13.46 -4.22
CA ILE B 77 -25.71 -12.96 -3.09
C ILE B 77 -25.51 -13.71 -1.76
N PRO B 78 -25.67 -15.05 -1.75
CA PRO B 78 -25.40 -15.74 -0.49
C PRO B 78 -23.90 -15.89 -0.22
N LEU B 79 -23.10 -15.93 -1.28
CA LEU B 79 -21.65 -16.06 -1.14
C LEU B 79 -21.05 -14.86 -0.41
N ALA B 80 -21.64 -13.69 -0.62
CA ALA B 80 -21.19 -12.47 0.05
C ALA B 80 -21.38 -12.58 1.56
N ALA B 81 -22.51 -13.18 1.94
CA ALA B 81 -22.85 -13.33 3.35
C ALA B 81 -21.88 -14.26 4.08
N ILE B 82 -21.67 -15.45 3.53
CA ILE B 82 -20.77 -16.42 4.15
C ILE B 82 -19.32 -15.95 4.11
N LEU B 83 -19.01 -15.06 3.17
CA LEU B 83 -17.69 -14.45 3.11
C LEU B 83 -17.56 -13.43 4.23
N ALA B 84 -18.65 -12.73 4.50
CA ALA B 84 -18.69 -11.76 5.59
C ALA B 84 -18.59 -12.46 6.93
N ASN B 85 -19.39 -13.52 7.08
CA ASN B 85 -19.38 -14.32 8.31
C ASN B 85 -18.05 -15.02 8.53
N ALA B 86 -17.38 -15.40 7.45
CA ALA B 86 -16.07 -16.01 7.55
C ALA B 86 -15.07 -15.02 8.11
N THR B 87 -15.21 -13.76 7.72
CA THR B 87 -14.38 -12.68 8.25
C THR B 87 -14.80 -12.34 9.66
N GLU B 88 -16.11 -12.45 9.92
CA GLU B 88 -16.67 -12.13 11.23
C GLU B 88 -16.14 -13.09 12.29
N GLU B 89 -16.14 -14.38 11.98
CA GLU B 89 -15.59 -15.40 12.88
C GLU B 89 -14.08 -15.31 12.93
N LEU B 90 -13.48 -14.80 11.86
CA LEU B 90 -12.04 -14.58 11.82
C LEU B 90 -11.69 -13.36 12.67
N ALA B 91 -12.55 -12.36 12.64
CA ALA B 91 -12.36 -11.15 13.46
C ALA B 91 -12.54 -11.49 14.94
N ASP B 92 -13.36 -12.50 15.20
CA ASP B 92 -13.65 -12.92 16.57
C ASP B 92 -12.41 -13.50 17.25
N LYS B 93 -11.47 -14.00 16.44
CA LYS B 93 -10.24 -14.60 16.98
C LYS B 93 -9.00 -13.91 16.39
N ALA B 94 -9.06 -12.60 16.24
CA ALA B 94 -7.93 -11.84 15.71
C ALA B 94 -7.78 -10.49 16.37
N GLY B 95 -8.91 -9.91 16.78
CA GLY B 95 -8.91 -8.60 17.39
C GLY B 95 -9.58 -7.56 16.48
N ASN B 96 -10.34 -6.66 17.08
CA ASN B 96 -11.07 -5.66 16.31
C ASN B 96 -10.17 -4.64 15.63
N THR B 97 -8.99 -4.43 16.19
CA THR B 97 -8.03 -3.50 15.60
C THR B 97 -7.22 -4.22 14.52
N ILE B 98 -7.00 -5.51 14.71
CA ILE B 98 -6.28 -6.34 13.75
C ILE B 98 -7.21 -6.78 12.63
N GLY B 99 -8.32 -7.42 13.00
CA GLY B 99 -9.27 -7.94 12.02
C GLY B 99 -10.19 -6.89 11.44
N GLY B 100 -10.16 -5.69 12.01
CA GLY B 100 -10.96 -4.59 11.52
C GLY B 100 -10.46 -4.11 10.16
N LEU B 101 -9.17 -4.33 9.90
CA LEU B 101 -8.59 -3.99 8.61
C LEU B 101 -9.00 -5.03 7.58
N LEU B 102 -9.01 -6.29 7.99
CA LEU B 102 -9.45 -7.38 7.11
C LEU B 102 -10.95 -7.28 6.86
N ASN B 103 -11.67 -6.74 7.84
CA ASN B 103 -13.10 -6.52 7.71
C ASN B 103 -13.39 -5.39 6.72
N ALA B 104 -12.36 -4.62 6.41
CA ALA B 104 -12.48 -3.53 5.46
C ALA B 104 -12.22 -4.01 4.03
N THR B 105 -11.11 -4.69 3.82
CA THR B 105 -10.74 -5.18 2.50
C THR B 105 -11.64 -6.32 2.02
N PHE B 106 -11.73 -7.38 2.81
CA PHE B 106 -12.57 -8.52 2.47
C PHE B 106 -14.06 -8.22 2.67
N GLY B 107 -14.35 -7.17 3.43
CA GLY B 107 -15.71 -6.76 3.66
C GLY B 107 -16.31 -6.10 2.43
N ASN B 108 -15.44 -5.66 1.53
CA ASN B 108 -15.86 -5.05 0.27
C ASN B 108 -15.44 -5.89 -0.93
N ALA B 109 -15.19 -7.17 -0.68
CA ALA B 109 -14.68 -8.07 -1.71
C ALA B 109 -15.58 -8.13 -2.95
N VAL B 110 -16.87 -8.32 -2.73
CA VAL B 110 -17.82 -8.39 -3.84
C VAL B 110 -17.79 -7.13 -4.70
N GLU B 111 -17.85 -5.97 -4.06
CA GLU B 111 -17.74 -4.71 -4.77
C GLU B 111 -16.38 -4.59 -5.47
N LEU B 112 -15.32 -4.98 -4.78
CA LEU B 112 -13.97 -4.93 -5.33
C LEU B 112 -13.79 -5.87 -6.52
N ILE B 113 -14.06 -7.16 -6.30
CA ILE B 113 -13.89 -8.17 -7.34
C ILE B 113 -14.69 -7.87 -8.61
N VAL B 114 -15.97 -7.56 -8.43
CA VAL B 114 -16.84 -7.23 -9.56
C VAL B 114 -16.34 -6.00 -10.31
N SER B 115 -16.01 -4.96 -9.57
CA SER B 115 -15.53 -3.71 -10.18
C SER B 115 -14.18 -3.89 -10.87
N ILE B 116 -13.28 -4.64 -10.23
CA ILE B 116 -11.96 -4.89 -10.79
C ILE B 116 -12.06 -5.69 -12.08
N ILE B 117 -12.80 -6.79 -12.04
CA ILE B 117 -13.03 -7.61 -13.24
C ILE B 117 -13.67 -6.77 -14.35
N ALA B 118 -14.60 -5.89 -13.97
CA ALA B 118 -15.25 -5.02 -14.94
C ALA B 118 -14.26 -4.02 -15.54
N LEU B 119 -13.37 -3.48 -14.72
CA LEU B 119 -12.34 -2.55 -15.18
C LEU B 119 -11.38 -3.21 -16.17
N LYS B 120 -11.01 -4.46 -15.91
CA LYS B 120 -10.14 -5.21 -16.80
C LYS B 120 -10.76 -5.34 -18.18
N LYS B 121 -12.08 -5.42 -18.21
CA LYS B 121 -12.81 -5.52 -19.47
C LYS B 121 -13.25 -4.15 -19.97
N GLY B 122 -12.81 -3.10 -19.26
CA GLY B 122 -13.05 -1.74 -19.69
C GLY B 122 -14.45 -1.21 -19.40
N GLN B 123 -15.17 -1.90 -18.53
CA GLN B 123 -16.53 -1.50 -18.18
C GLN B 123 -16.52 -0.34 -17.18
N VAL B 124 -16.07 0.83 -17.63
CA VAL B 124 -15.95 1.99 -16.75
C VAL B 124 -17.31 2.53 -16.33
N ARG B 125 -18.25 2.55 -17.27
CA ARG B 125 -19.60 3.03 -16.99
C ARG B 125 -20.27 2.14 -15.94
N ILE B 126 -20.07 0.83 -16.06
CA ILE B 126 -20.63 -0.13 -15.12
C ILE B 126 -20.08 0.08 -13.71
N VAL B 127 -18.77 0.27 -13.62
CA VAL B 127 -18.12 0.49 -12.33
C VAL B 127 -18.61 1.77 -11.68
N GLN B 128 -18.61 2.86 -12.44
CA GLN B 128 -19.08 4.15 -11.92
C GLN B 128 -20.52 4.06 -11.43
N ALA B 129 -21.37 3.41 -12.21
CA ALA B 129 -22.79 3.28 -11.87
C ALA B 129 -22.99 2.39 -10.65
N SER B 130 -22.17 1.35 -10.53
CA SER B 130 -22.29 0.41 -9.41
C SER B 130 -21.91 1.05 -8.09
N MET B 131 -20.89 1.91 -8.12
CA MET B 131 -20.46 2.60 -6.92
C MET B 131 -21.56 3.53 -6.43
N LEU B 132 -22.03 4.39 -7.32
CA LEU B 132 -23.08 5.33 -7.01
C LEU B 132 -24.38 4.60 -6.66
N GLY B 133 -24.63 3.51 -7.37
CA GLY B 133 -25.81 2.69 -7.13
C GLY B 133 -25.79 2.05 -5.76
N SER B 134 -24.61 1.63 -5.31
CA SER B 134 -24.46 1.03 -4.00
C SER B 134 -24.76 2.07 -2.92
N LEU B 135 -24.42 3.32 -3.19
CA LEU B 135 -24.71 4.41 -2.27
C LEU B 135 -26.22 4.67 -2.19
N LEU B 136 -26.86 4.81 -3.35
CA LEU B 136 -28.29 5.06 -3.42
C LEU B 136 -29.08 3.96 -2.71
N SER B 137 -28.62 2.73 -2.89
CA SER B 137 -29.26 1.57 -2.29
C SER B 137 -29.18 1.61 -0.77
N ASN B 138 -28.06 2.08 -0.25
CA ASN B 138 -27.89 2.18 1.20
C ASN B 138 -28.51 3.44 1.79
N LEU B 139 -28.57 4.50 0.99
CA LEU B 139 -29.11 5.77 1.45
C LEU B 139 -30.64 5.76 1.48
N LEU B 140 -31.25 5.14 0.49
CA LEU B 140 -32.71 5.17 0.36
C LEU B 140 -33.36 3.80 0.50
N LEU B 141 -32.88 2.83 -0.28
CA LEU B 141 -33.53 1.54 -0.37
C LEU B 141 -33.61 0.79 0.96
N VAL B 142 -32.45 0.54 1.57
CA VAL B 142 -32.41 -0.19 2.83
C VAL B 142 -32.94 0.69 3.97
N LEU B 143 -32.83 2.00 3.81
CA LEU B 143 -33.37 2.93 4.79
C LEU B 143 -34.89 2.83 4.82
N GLY B 144 -35.49 2.82 3.63
CA GLY B 144 -36.92 2.68 3.49
C GLY B 144 -37.41 1.36 4.05
N LEU B 145 -36.76 0.28 3.65
CA LEU B 145 -37.12 -1.06 4.11
C LEU B 145 -37.04 -1.16 5.63
N CYS B 146 -35.97 -0.60 6.20
CA CYS B 146 -35.78 -0.63 7.65
C CYS B 146 -36.87 0.15 8.38
N PHE B 147 -37.16 1.37 7.89
CA PHE B 147 -38.18 2.20 8.52
C PHE B 147 -39.55 1.54 8.42
N ILE B 148 -39.80 0.87 7.29
CA ILE B 148 -41.08 0.18 7.09
C ILE B 148 -41.24 -1.03 8.00
N PHE B 149 -40.30 -1.96 7.92
CA PHE B 149 -40.42 -3.22 8.65
C PHE B 149 -40.18 -3.08 10.15
N GLY B 150 -39.45 -2.04 10.53
CA GLY B 150 -39.18 -1.79 11.94
C GLY B 150 -40.25 -0.92 12.58
N GLY B 151 -40.94 -0.13 11.77
CA GLY B 151 -41.87 0.85 12.30
C GLY B 151 -43.34 0.59 12.01
N TYR B 152 -43.65 -0.51 11.32
CA TYR B 152 -45.03 -0.78 10.94
C TYR B 152 -45.93 -1.07 12.14
N ASN B 153 -45.38 -1.75 13.14
CA ASN B 153 -46.14 -2.05 14.36
C ASN B 153 -45.74 -1.14 15.53
N ARG B 154 -45.08 -0.03 15.21
CA ARG B 154 -44.65 0.92 16.24
C ARG B 154 -45.06 2.34 15.88
N VAL B 155 -45.09 3.22 16.89
CA VAL B 155 -45.36 4.63 16.65
C VAL B 155 -44.17 5.25 15.94
N GLN B 156 -42.99 5.05 16.51
CA GLN B 156 -41.76 5.57 15.93
C GLN B 156 -40.54 4.80 16.44
N GLN B 157 -39.40 5.02 15.81
CA GLN B 157 -38.15 4.44 16.28
C GLN B 157 -37.09 5.54 16.44
N THR B 158 -36.48 5.59 17.61
CA THR B 158 -35.56 6.66 17.95
C THR B 158 -34.11 6.24 17.81
N PHE B 159 -33.27 7.16 17.34
CA PHE B 159 -31.85 6.93 17.22
C PHE B 159 -31.06 8.22 17.48
N ASN B 160 -31.57 9.03 18.40
CA ASN B 160 -30.89 10.27 18.78
C ASN B 160 -29.59 10.00 19.51
N GLN B 161 -28.55 10.76 19.19
CA GLN B 161 -27.26 10.70 19.87
C GLN B 161 -26.63 9.31 19.84
N THR B 162 -26.72 8.65 18.68
CA THR B 162 -26.10 7.34 18.52
C THR B 162 -24.93 7.41 17.54
N ALA B 163 -24.22 6.29 17.39
CA ALA B 163 -23.12 6.21 16.44
C ALA B 163 -23.63 6.40 15.01
N ALA B 164 -24.87 5.97 14.77
CA ALA B 164 -25.49 6.11 13.46
C ALA B 164 -25.50 7.56 12.99
N GLN B 165 -25.90 8.46 13.89
CA GLN B 165 -25.92 9.89 13.58
C GLN B 165 -24.51 10.43 13.38
N THR B 166 -23.58 10.01 14.23
CA THR B 166 -22.18 10.38 14.08
C THR B 166 -21.64 9.96 12.71
N MET B 167 -21.90 8.71 12.35
CA MET B 167 -21.46 8.18 11.06
C MET B 167 -22.15 8.89 9.89
N SER B 168 -23.42 9.23 10.10
CA SER B 168 -24.22 9.87 9.06
C SER B 168 -23.63 11.21 8.65
N SER B 169 -23.18 11.99 9.63
CA SER B 169 -22.54 13.27 9.37
C SER B 169 -21.27 13.06 8.55
N LEU B 170 -20.52 12.01 8.87
CA LEU B 170 -19.31 11.67 8.13
C LEU B 170 -19.64 11.35 6.67
N LEU B 171 -20.70 10.56 6.47
CA LEU B 171 -21.08 10.11 5.14
C LEU B 171 -21.49 11.27 4.23
N ALA B 172 -22.11 12.28 4.82
CA ALA B 172 -22.55 13.45 4.07
C ALA B 172 -21.35 14.17 3.45
N ILE B 173 -20.30 14.34 4.25
CA ILE B 173 -19.08 14.98 3.76
C ILE B 173 -18.40 14.09 2.72
N ALA B 174 -18.34 12.79 3.01
CA ALA B 174 -17.69 11.83 2.13
C ALA B 174 -18.32 11.83 0.74
N CYS B 175 -19.65 11.76 0.69
CA CYS B 175 -20.37 11.75 -0.58
C CYS B 175 -20.20 13.08 -1.32
N ALA B 176 -20.31 14.18 -0.59
CA ALA B 176 -20.13 15.50 -1.18
C ALA B 176 -18.74 15.62 -1.80
N SER B 177 -17.74 15.14 -1.07
CA SER B 177 -16.36 15.16 -1.54
C SER B 177 -16.20 14.29 -2.78
N LEU B 178 -16.84 13.13 -2.76
CA LEU B 178 -16.79 12.19 -3.87
C LEU B 178 -17.40 12.79 -5.15
N LEU B 179 -18.36 13.68 -4.98
CA LEU B 179 -19.11 14.23 -6.10
C LEU B 179 -18.54 15.55 -6.63
N ILE B 180 -17.45 16.03 -6.03
CA ILE B 180 -16.82 17.28 -6.46
C ILE B 180 -16.37 17.27 -7.93
N PRO B 181 -15.62 16.24 -8.37
CA PRO B 181 -15.24 16.25 -9.78
C PRO B 181 -16.44 16.12 -10.72
N ALA B 182 -17.47 15.41 -10.27
CA ALA B 182 -18.70 15.26 -11.06
C ALA B 182 -19.42 16.60 -11.16
N ALA B 183 -19.56 17.28 -10.02
CA ALA B 183 -20.20 18.59 -9.98
C ALA B 183 -19.41 19.58 -10.82
N PHE B 184 -18.10 19.40 -10.83
CA PHE B 184 -17.21 20.23 -11.64
C PHE B 184 -17.52 20.08 -13.13
N ARG B 185 -17.61 18.83 -13.58
CA ARG B 185 -17.89 18.54 -14.99
C ARG B 185 -19.27 19.03 -15.40
N ALA B 186 -20.25 18.84 -14.52
CA ALA B 186 -21.63 19.19 -14.81
C ALA B 186 -21.83 20.70 -14.98
N THR B 187 -21.04 21.49 -14.26
CA THR B 187 -21.23 22.93 -14.22
C THR B 187 -20.25 23.71 -15.08
N LEU B 188 -19.62 23.03 -16.04
CA LEU B 188 -18.68 23.69 -16.95
C LEU B 188 -19.41 24.50 -18.00
N PRO B 189 -18.88 25.68 -18.34
CA PRO B 189 -19.42 26.52 -19.42
C PRO B 189 -19.26 25.85 -20.77
N ASP B 198 -11.53 16.51 -20.86
CA ASP B 198 -10.20 16.19 -21.36
C ASP B 198 -9.44 15.26 -20.42
N GLY B 199 -8.12 15.35 -20.44
CA GLY B 199 -7.28 14.57 -19.55
C GLY B 199 -7.18 15.22 -18.18
N LYS B 200 -7.67 16.45 -18.09
CA LYS B 200 -7.70 17.18 -16.82
C LYS B 200 -8.80 16.61 -15.93
N ILE B 201 -9.83 16.04 -16.56
CA ILE B 201 -10.87 15.31 -15.83
C ILE B 201 -10.25 14.07 -15.21
N LEU B 202 -9.40 13.41 -15.98
CA LEU B 202 -8.71 12.21 -15.51
C LEU B 202 -7.75 12.54 -14.37
N GLU B 203 -7.03 13.65 -14.50
CA GLU B 203 -6.09 14.09 -13.47
C GLU B 203 -6.81 14.47 -12.18
N LEU B 204 -7.92 15.19 -12.32
CA LEU B 204 -8.68 15.65 -11.17
C LEU B 204 -9.27 14.49 -10.36
N SER B 205 -9.81 13.50 -11.06
CA SER B 205 -10.39 12.34 -10.40
C SER B 205 -9.33 11.52 -9.66
N ARG B 206 -8.12 11.47 -10.22
CA ARG B 206 -7.05 10.70 -9.63
C ARG B 206 -6.43 11.42 -8.42
N GLY B 207 -6.30 12.73 -8.52
CA GLY B 207 -5.85 13.53 -7.40
C GLY B 207 -6.86 13.50 -6.27
N THR B 208 -8.14 13.61 -6.63
CA THR B 208 -9.23 13.57 -5.66
C THR B 208 -9.25 12.22 -4.95
N SER B 209 -9.12 11.15 -5.72
CA SER B 209 -9.11 9.81 -5.16
C SER B 209 -7.96 9.61 -4.19
N ILE B 210 -6.82 10.24 -4.49
CA ILE B 210 -5.67 10.20 -3.60
C ILE B 210 -5.98 10.88 -2.28
N VAL B 211 -6.65 12.03 -2.34
CA VAL B 211 -7.06 12.75 -1.14
C VAL B 211 -8.09 11.97 -0.32
N ILE B 212 -9.10 11.44 -1.00
CA ILE B 212 -10.16 10.68 -0.33
C ILE B 212 -9.62 9.43 0.36
N LEU B 213 -8.69 8.73 -0.29
CA LEU B 213 -8.09 7.53 0.29
C LEU B 213 -7.22 7.86 1.50
N ILE B 214 -6.63 9.05 1.51
CA ILE B 214 -5.90 9.52 2.67
C ILE B 214 -6.88 9.74 3.82
N VAL B 215 -8.04 10.29 3.51
CA VAL B 215 -9.11 10.48 4.48
C VAL B 215 -9.58 9.12 5.02
N TYR B 216 -9.69 8.14 4.13
CA TYR B 216 -10.13 6.80 4.50
C TYR B 216 -9.21 6.17 5.53
N VAL B 217 -7.90 6.33 5.33
CA VAL B 217 -6.92 5.85 6.29
C VAL B 217 -7.16 6.51 7.63
N LEU B 218 -7.40 7.83 7.61
CA LEU B 218 -7.74 8.56 8.82
C LEU B 218 -9.10 8.13 9.37
N PHE B 219 -10.02 7.77 8.48
CA PHE B 219 -11.31 7.23 8.90
C PHE B 219 -11.13 5.90 9.62
N LEU B 220 -10.26 5.05 9.08
CA LEU B 220 -9.97 3.76 9.70
C LEU B 220 -9.34 3.95 11.09
N TYR B 221 -8.48 4.96 11.23
CA TYR B 221 -7.90 5.25 12.53
C TYR B 221 -8.95 5.73 13.52
N PHE B 222 -9.89 6.53 13.02
CA PHE B 222 -11.01 7.00 13.84
C PHE B 222 -11.79 5.78 14.32
N GLN B 223 -12.09 4.89 13.38
CA GLN B 223 -12.91 3.71 13.64
C GLN B 223 -12.20 2.66 14.48
N LEU B 224 -10.89 2.51 14.29
CA LEU B 224 -10.15 1.45 14.96
C LEU B 224 -9.21 1.94 16.06
N GLY B 225 -9.03 3.25 16.16
CA GLY B 225 -8.13 3.81 17.15
C GLY B 225 -8.80 4.74 18.15
N SER B 226 -8.91 6.02 17.78
CA SER B 226 -9.41 7.05 18.69
C SER B 226 -10.82 6.77 19.20
N HIS B 227 -11.73 6.42 18.30
CA HIS B 227 -13.11 6.13 18.67
C HIS B 227 -13.45 4.67 18.47
N HIS B 228 -12.51 3.79 18.78
CA HIS B 228 -12.68 2.37 18.55
C HIS B 228 -13.76 1.78 19.47
N ALA B 229 -13.94 2.40 20.63
CA ALA B 229 -14.89 1.90 21.62
C ALA B 229 -16.34 1.92 21.13
N LEU B 230 -16.74 3.02 20.50
CA LEU B 230 -18.12 3.15 20.04
C LEU B 230 -18.42 2.27 18.83
N PHE B 231 -17.40 2.01 18.02
CA PHE B 231 -17.56 1.14 16.86
C PHE B 231 -17.51 -0.33 17.26
N GLU B 232 -16.64 -0.65 18.22
CA GLU B 232 -16.54 -2.01 18.74
C GLU B 232 -17.84 -2.41 19.42
N GLN B 233 -18.40 -1.51 20.23
CA GLN B 233 -19.68 -1.75 20.88
C GLN B 233 -20.78 -1.97 19.87
N GLN B 234 -20.77 -1.18 18.80
CA GLN B 234 -21.80 -1.30 17.77
C GLN B 234 -21.70 -2.63 17.02
N GLU B 235 -20.47 -3.11 16.83
CA GLU B 235 -20.27 -4.40 16.19
C GLU B 235 -20.74 -5.52 17.10
N GLU B 236 -20.45 -5.39 18.39
CA GLU B 236 -20.83 -6.39 19.38
C GLU B 236 -22.35 -6.48 19.54
N GLU B 237 -23.01 -5.31 19.59
CA GLU B 237 -24.46 -5.27 19.71
C GLU B 237 -25.10 -5.91 18.48
N THR B 238 -24.61 -5.55 17.30
CA THR B 238 -25.16 -6.05 16.05
C THR B 238 -24.96 -7.57 15.92
N ASP B 239 -23.78 -8.06 16.30
CA ASP B 239 -23.50 -9.48 16.31
C ASP B 239 -24.45 -10.22 17.25
N GLU B 240 -24.70 -9.63 18.42
CA GLU B 240 -25.60 -10.20 19.41
C GLU B 240 -27.02 -10.37 18.86
N VAL B 241 -27.53 -9.32 18.22
CA VAL B 241 -28.86 -9.33 17.65
C VAL B 241 -28.97 -10.42 16.57
N MET B 242 -27.96 -10.50 15.71
CA MET B 242 -27.94 -11.50 14.65
C MET B 242 -27.85 -12.92 15.20
N SER B 243 -27.08 -13.10 16.27
CA SER B 243 -26.93 -14.42 16.87
C SER B 243 -28.26 -14.86 17.48
N THR B 244 -29.02 -13.88 17.95
CA THR B 244 -30.33 -14.14 18.54
C THR B 244 -31.36 -14.43 17.46
N ILE B 245 -31.14 -13.88 16.26
CA ILE B 245 -32.00 -14.14 15.12
C ILE B 245 -31.66 -15.48 14.48
N SER B 246 -30.48 -15.57 13.86
CA SER B 246 -30.00 -16.85 13.34
C SER B 246 -29.69 -17.75 14.53
N ARG B 247 -30.71 -18.47 14.99
CA ARG B 247 -30.68 -19.17 16.27
C ARG B 247 -29.85 -20.44 16.27
N ASN B 248 -28.87 -20.48 15.37
CA ASN B 248 -27.93 -21.58 15.29
C ASN B 248 -26.53 -21.07 15.56
N PRO B 249 -26.18 -20.98 16.83
CA PRO B 249 -24.84 -20.53 17.23
C PRO B 249 -23.88 -21.71 17.39
N HIS B 250 -22.57 -21.46 17.41
CA HIS B 250 -22.02 -20.12 17.29
C HIS B 250 -21.63 -19.81 15.88
N HIS B 251 -20.69 -20.59 15.34
CA HIS B 251 -20.09 -21.70 16.08
C HIS B 251 -18.57 -21.68 15.90
N SER B 252 -17.92 -20.77 16.63
CA SER B 252 -16.48 -20.48 16.56
C SER B 252 -15.63 -21.34 15.63
N LEU B 253 -15.17 -20.73 14.55
CA LEU B 253 -14.35 -21.42 13.56
C LEU B 253 -12.86 -21.36 13.90
N SER B 254 -12.13 -22.39 13.50
CA SER B 254 -10.68 -22.38 13.61
C SER B 254 -10.12 -21.29 12.72
N VAL B 255 -8.99 -20.72 13.12
CA VAL B 255 -8.32 -19.69 12.32
C VAL B 255 -7.95 -20.25 10.94
N LYS B 256 -7.67 -21.55 10.89
CA LYS B 256 -7.39 -22.21 9.62
C LYS B 256 -8.69 -22.45 8.86
N SER B 257 -9.74 -22.83 9.58
CA SER B 257 -11.05 -23.07 8.98
C SER B 257 -11.64 -21.80 8.37
N SER B 258 -11.52 -20.70 9.10
CA SER B 258 -12.03 -19.41 8.64
C SER B 258 -11.34 -18.97 7.36
N LEU B 259 -10.01 -19.07 7.36
CA LEU B 259 -9.20 -18.66 6.22
C LEU B 259 -9.51 -19.51 4.99
N VAL B 260 -9.81 -20.78 5.20
CA VAL B 260 -10.14 -21.69 4.12
C VAL B 260 -11.47 -21.28 3.46
N ILE B 261 -12.49 -21.08 4.28
CA ILE B 261 -13.78 -20.61 3.78
C ILE B 261 -13.63 -19.24 3.14
N LEU B 262 -12.75 -18.43 3.70
CA LEU B 262 -12.51 -17.08 3.19
C LEU B 262 -11.99 -17.11 1.76
N LEU B 263 -10.81 -17.70 1.58
CA LEU B 263 -10.17 -17.75 0.28
C LEU B 263 -11.00 -18.55 -0.73
N GLY B 264 -11.61 -19.63 -0.26
CA GLY B 264 -12.43 -20.47 -1.10
C GLY B 264 -13.63 -19.73 -1.67
N THR B 265 -14.36 -19.04 -0.79
CA THR B 265 -15.52 -18.25 -1.21
C THR B 265 -15.09 -17.12 -2.13
N THR B 266 -13.94 -16.52 -1.82
CA THR B 266 -13.40 -15.43 -2.64
C THR B 266 -13.14 -15.90 -4.06
N VAL B 267 -12.58 -17.10 -4.19
CA VAL B 267 -12.32 -17.69 -5.49
C VAL B 267 -13.62 -17.95 -6.26
N ILE B 268 -14.59 -18.56 -5.58
CA ILE B 268 -15.88 -18.87 -6.18
C ILE B 268 -16.59 -17.61 -6.65
N ILE B 269 -16.54 -16.57 -5.84
CA ILE B 269 -17.12 -15.28 -6.19
C ILE B 269 -16.47 -14.72 -7.45
N SER B 270 -15.14 -14.82 -7.51
CA SER B 270 -14.38 -14.34 -8.65
C SER B 270 -14.81 -15.00 -9.96
N PHE B 271 -15.17 -16.27 -9.89
CA PHE B 271 -15.63 -16.99 -11.08
C PHE B 271 -17.03 -16.58 -11.49
N CYS B 272 -17.92 -16.48 -10.51
CA CYS B 272 -19.30 -16.07 -10.78
C CYS B 272 -19.34 -14.62 -11.26
N ALA B 273 -18.51 -13.77 -10.66
CA ALA B 273 -18.43 -12.37 -11.07
C ALA B 273 -17.88 -12.25 -12.48
N ASP B 274 -16.86 -13.05 -12.78
CA ASP B 274 -16.26 -13.05 -14.10
C ASP B 274 -17.30 -13.44 -15.15
N PHE B 275 -18.11 -14.44 -14.82
CA PHE B 275 -19.20 -14.86 -15.70
C PHE B 275 -20.29 -13.80 -15.78
N LEU B 276 -20.63 -13.22 -14.63
CA LEU B 276 -21.63 -12.16 -14.55
C LEU B 276 -21.22 -10.96 -15.40
N VAL B 277 -20.00 -10.47 -15.18
CA VAL B 277 -19.49 -9.31 -15.89
C VAL B 277 -19.32 -9.58 -17.38
N GLY B 278 -18.87 -10.79 -17.71
CA GLY B 278 -18.63 -11.18 -19.09
C GLY B 278 -19.88 -11.30 -19.95
N THR B 279 -21.05 -11.29 -19.31
CA THR B 279 -22.32 -11.41 -20.03
C THR B 279 -23.11 -10.11 -20.02
N ILE B 280 -22.50 -9.05 -19.50
CA ILE B 280 -23.17 -7.76 -19.40
C ILE B 280 -23.57 -7.19 -20.76
N ASP B 281 -22.62 -7.15 -21.68
CA ASP B 281 -22.87 -6.62 -23.02
C ASP B 281 -24.00 -7.37 -23.74
N ASN B 282 -24.09 -8.67 -23.48
CA ASN B 282 -25.16 -9.48 -24.06
C ASN B 282 -26.52 -9.16 -23.47
N VAL B 283 -26.55 -8.95 -22.16
CA VAL B 283 -27.79 -8.60 -21.47
C VAL B 283 -28.30 -7.23 -21.92
N VAL B 284 -27.37 -6.29 -22.11
CA VAL B 284 -27.71 -4.96 -22.60
C VAL B 284 -28.39 -5.04 -23.97
N GLU B 285 -27.83 -5.87 -24.85
CA GLU B 285 -28.41 -6.08 -26.17
C GLU B 285 -29.75 -6.79 -26.08
N SER B 286 -29.79 -7.87 -25.29
CA SER B 286 -30.98 -8.71 -25.18
C SER B 286 -32.17 -7.98 -24.56
N THR B 287 -31.92 -7.26 -23.47
CA THR B 287 -33.00 -6.62 -22.73
C THR B 287 -33.29 -5.21 -23.22
N GLY B 288 -32.27 -4.51 -23.69
CA GLY B 288 -32.43 -3.13 -24.11
C GLY B 288 -32.26 -2.18 -22.93
N LEU B 289 -31.97 -2.74 -21.77
CA LEU B 289 -31.62 -1.95 -20.60
C LEU B 289 -30.21 -1.39 -20.78
N SER B 290 -29.98 -0.19 -20.28
CA SER B 290 -28.68 0.45 -20.42
C SER B 290 -27.69 -0.05 -19.38
N LYS B 291 -26.40 0.14 -19.65
CA LYS B 291 -25.36 -0.20 -18.69
C LYS B 291 -25.53 0.64 -17.43
N THR B 292 -25.95 1.89 -17.62
CA THR B 292 -26.20 2.79 -16.50
C THR B 292 -27.25 2.21 -15.56
N PHE B 293 -28.37 1.74 -16.12
CA PHE B 293 -29.43 1.17 -15.32
C PHE B 293 -28.98 -0.10 -14.60
N ILE B 294 -28.39 -1.02 -15.36
CA ILE B 294 -27.93 -2.29 -14.80
C ILE B 294 -26.85 -2.04 -13.75
N GLY B 295 -25.95 -1.10 -14.06
CA GLY B 295 -24.90 -0.73 -13.13
C GLY B 295 -25.46 -0.11 -11.86
N LEU B 296 -26.42 0.80 -12.02
CA LEU B 296 -26.95 1.56 -10.88
C LEU B 296 -27.93 0.79 -10.02
N ILE B 297 -28.82 0.02 -10.66
CA ILE B 297 -29.90 -0.65 -9.94
C ILE B 297 -29.65 -2.14 -9.71
N VAL B 298 -29.14 -2.82 -10.72
CA VAL B 298 -29.01 -4.28 -10.67
C VAL B 298 -27.76 -4.76 -9.94
N ILE B 299 -26.60 -4.30 -10.37
CA ILE B 299 -25.32 -4.72 -9.80
C ILE B 299 -25.17 -4.57 -8.27
N PRO B 300 -25.56 -3.41 -7.69
CA PRO B 300 -25.38 -3.25 -6.24
C PRO B 300 -26.11 -4.30 -5.39
N ILE B 301 -27.11 -4.95 -5.96
CA ILE B 301 -27.89 -5.96 -5.23
C ILE B 301 -27.03 -7.12 -4.77
N VAL B 302 -26.09 -7.56 -5.60
CA VAL B 302 -25.28 -8.74 -5.28
C VAL B 302 -24.39 -8.53 -4.06
N GLY B 303 -24.02 -7.28 -3.79
CA GLY B 303 -23.11 -6.98 -2.70
C GLY B 303 -23.80 -6.39 -1.48
N ASN B 304 -25.07 -6.03 -1.61
CA ASN B 304 -25.79 -5.39 -0.52
C ASN B 304 -26.97 -6.19 0.01
N ALA B 305 -27.45 -7.18 -0.76
CA ALA B 305 -28.64 -7.93 -0.39
C ALA B 305 -28.52 -8.61 0.98
N ALA B 306 -27.37 -9.20 1.25
CA ALA B 306 -27.14 -9.88 2.52
C ALA B 306 -27.15 -8.90 3.69
N GLU B 307 -26.40 -7.81 3.55
CA GLU B 307 -26.34 -6.78 4.57
C GLU B 307 -27.70 -6.11 4.78
N HIS B 308 -28.48 -6.03 3.71
CA HIS B 308 -29.80 -5.42 3.79
C HIS B 308 -30.78 -6.29 4.59
N VAL B 309 -30.73 -7.60 4.36
CA VAL B 309 -31.56 -8.52 5.13
C VAL B 309 -31.20 -8.41 6.61
N THR B 310 -29.90 -8.33 6.88
CA THR B 310 -29.40 -8.12 8.23
C THR B 310 -29.97 -6.84 8.85
N SER B 311 -29.82 -5.74 8.14
CA SER B 311 -30.30 -4.43 8.61
C SER B 311 -31.79 -4.45 8.93
N VAL B 312 -32.58 -5.00 8.02
CA VAL B 312 -34.03 -5.07 8.20
C VAL B 312 -34.41 -5.89 9.42
N LEU B 313 -33.79 -7.06 9.55
CA LEU B 313 -34.06 -7.96 10.68
C LEU B 313 -33.72 -7.30 12.01
N VAL B 314 -32.63 -6.54 12.02
CA VAL B 314 -32.22 -5.82 13.23
C VAL B 314 -33.19 -4.68 13.51
N ALA B 315 -33.63 -4.00 12.45
CA ALA B 315 -34.59 -2.91 12.56
C ALA B 315 -35.91 -3.40 13.16
N MET B 316 -36.26 -4.65 12.88
CA MET B 316 -37.51 -5.21 13.38
C MET B 316 -37.42 -5.55 14.86
N LYS B 317 -36.19 -5.68 15.37
CA LYS B 317 -35.97 -5.89 16.80
C LYS B 317 -35.91 -4.55 17.52
N ASP B 318 -36.34 -3.50 16.83
CA ASP B 318 -36.36 -2.14 17.37
C ASP B 318 -34.95 -1.64 17.73
N LYS B 319 -33.99 -1.99 16.88
CA LYS B 319 -32.63 -1.50 17.03
C LYS B 319 -32.20 -0.77 15.76
N MET B 320 -32.91 0.32 15.47
CA MET B 320 -32.72 1.08 14.23
C MET B 320 -31.32 1.69 14.14
N ASP B 321 -30.76 2.06 15.30
CA ASP B 321 -29.41 2.61 15.33
C ASP B 321 -28.40 1.62 14.76
N LEU B 322 -28.53 0.34 15.14
CA LEU B 322 -27.63 -0.69 14.65
C LEU B 322 -27.86 -0.96 13.17
N ALA B 323 -29.13 -0.98 12.77
CA ALA B 323 -29.51 -1.19 11.38
C ALA B 323 -28.93 -0.10 10.49
N LEU B 324 -29.09 1.15 10.91
CA LEU B 324 -28.53 2.28 10.18
C LEU B 324 -27.01 2.20 10.14
N GLY B 325 -26.43 1.78 11.26
CA GLY B 325 -24.98 1.64 11.37
C GLY B 325 -24.38 0.74 10.31
N VAL B 326 -25.06 -0.36 10.02
CA VAL B 326 -24.61 -1.27 8.97
C VAL B 326 -24.66 -0.59 7.61
N ALA B 327 -25.80 0.04 7.31
CA ALA B 327 -26.00 0.70 6.03
C ALA B 327 -25.02 1.86 5.82
N ILE B 328 -24.92 2.73 6.81
CA ILE B 328 -24.01 3.87 6.73
C ILE B 328 -22.56 3.40 6.68
N GLY B 329 -22.26 2.33 7.41
CA GLY B 329 -20.92 1.76 7.41
C GLY B 329 -20.50 1.29 6.04
N SER B 330 -21.42 0.65 5.31
CA SER B 330 -21.13 0.17 3.97
C SER B 330 -20.98 1.30 2.98
N SER B 331 -21.73 2.37 3.19
CA SER B 331 -21.66 3.55 2.32
C SER B 331 -20.33 4.26 2.46
N LEU B 332 -19.83 4.33 3.69
CA LEU B 332 -18.53 4.95 3.95
C LEU B 332 -17.41 4.19 3.26
N GLN B 333 -17.47 2.86 3.33
CA GLN B 333 -16.49 2.01 2.67
C GLN B 333 -16.49 2.25 1.16
N VAL B 334 -17.69 2.35 0.59
CA VAL B 334 -17.85 2.58 -0.84
C VAL B 334 -17.38 3.99 -1.23
N ALA B 335 -17.76 4.98 -0.44
CA ALA B 335 -17.42 6.37 -0.74
C ALA B 335 -15.95 6.72 -0.47
N LEU B 336 -15.42 6.23 0.66
CA LEU B 336 -14.07 6.61 1.08
C LEU B 336 -12.98 5.69 0.55
N PHE B 337 -13.34 4.45 0.24
CA PHE B 337 -12.35 3.47 -0.17
C PHE B 337 -12.59 2.88 -1.55
N VAL B 338 -13.68 2.11 -1.69
CA VAL B 338 -13.88 1.32 -2.91
C VAL B 338 -13.92 2.16 -4.19
N THR B 339 -14.69 3.24 -4.18
CA THR B 339 -14.79 4.12 -5.35
C THR B 339 -13.47 4.77 -5.75
N PRO B 340 -12.79 5.48 -4.81
CA PRO B 340 -11.52 6.10 -5.24
C PRO B 340 -10.43 5.08 -5.54
N PHE B 341 -10.46 3.93 -4.87
CA PHE B 341 -9.46 2.89 -5.10
C PHE B 341 -9.59 2.34 -6.52
N MET B 342 -10.81 2.31 -7.03
CA MET B 342 -11.07 1.83 -8.39
C MET B 342 -10.44 2.73 -9.44
N VAL B 343 -10.44 4.03 -9.22
CA VAL B 343 -9.81 4.95 -10.16
C VAL B 343 -8.29 4.81 -10.06
N LEU B 344 -7.81 4.47 -8.87
CA LEU B 344 -6.39 4.20 -8.69
C LEU B 344 -6.00 2.87 -9.34
N VAL B 345 -6.88 1.88 -9.23
CA VAL B 345 -6.67 0.60 -9.92
C VAL B 345 -6.65 0.84 -11.42
N GLY B 346 -7.57 1.69 -11.90
CA GLY B 346 -7.62 2.05 -13.30
C GLY B 346 -6.36 2.77 -13.75
N TRP B 347 -5.76 3.52 -12.84
CA TRP B 347 -4.52 4.23 -13.13
C TRP B 347 -3.38 3.22 -13.34
N MET B 348 -3.39 2.16 -12.53
CA MET B 348 -2.35 1.12 -12.60
C MET B 348 -2.45 0.29 -13.87
N ILE B 349 -3.66 -0.13 -14.22
CA ILE B 349 -3.87 -0.98 -15.39
C ILE B 349 -4.19 -0.17 -16.65
N ASP B 350 -3.95 1.13 -16.58
CA ASP B 350 -4.12 2.04 -17.72
C ASP B 350 -5.55 2.05 -18.26
N VAL B 351 -6.52 2.12 -17.35
CA VAL B 351 -7.94 2.21 -17.72
C VAL B 351 -8.53 3.49 -17.16
N PRO B 352 -9.14 4.32 -18.02
CA PRO B 352 -9.66 5.64 -17.64
C PRO B 352 -10.87 5.59 -16.71
N MET B 353 -10.71 5.01 -15.53
CA MET B 353 -11.76 5.04 -14.52
C MET B 353 -11.73 6.38 -13.78
N THR B 354 -12.86 7.08 -13.77
CA THR B 354 -12.92 8.41 -13.20
C THR B 354 -14.09 8.57 -12.22
N LEU B 355 -14.15 9.74 -11.59
CA LEU B 355 -15.27 10.09 -10.73
C LEU B 355 -16.24 10.95 -11.52
N ASN B 356 -16.23 10.80 -12.84
CA ASN B 356 -17.05 11.61 -13.73
C ASN B 356 -18.45 11.00 -13.93
N PHE B 357 -19.22 10.96 -12.85
CA PHE B 357 -20.59 10.47 -12.92
C PHE B 357 -21.44 11.40 -13.77
N SER B 358 -22.58 10.89 -14.25
CA SER B 358 -23.47 11.70 -15.08
C SER B 358 -24.08 12.81 -14.23
N THR B 359 -24.53 13.87 -14.90
CA THR B 359 -25.12 15.01 -14.22
C THR B 359 -26.34 14.58 -13.40
N PHE B 360 -27.11 13.63 -13.95
CA PHE B 360 -28.30 13.14 -13.26
C PHE B 360 -27.94 12.28 -12.06
N GLU B 361 -26.92 11.43 -12.23
CA GLU B 361 -26.44 10.60 -11.14
C GLU B 361 -25.92 11.48 -10.00
N THR B 362 -25.23 12.54 -10.37
CA THR B 362 -24.70 13.48 -9.41
C THR B 362 -25.83 14.19 -8.66
N ALA B 363 -26.83 14.66 -9.40
CA ALA B 363 -27.98 15.31 -8.81
C ALA B 363 -28.72 14.32 -7.92
N THR B 364 -28.87 13.10 -8.39
CA THR B 364 -29.56 12.04 -7.65
C THR B 364 -28.90 11.76 -6.31
N LEU B 365 -27.58 11.60 -6.33
CA LEU B 365 -26.85 11.27 -5.11
C LEU B 365 -26.93 12.40 -4.08
N PHE B 366 -26.76 13.63 -4.53
CA PHE B 366 -26.88 14.79 -3.64
C PHE B 366 -28.23 14.85 -2.94
N ILE B 367 -29.30 14.65 -3.70
CA ILE B 367 -30.65 14.64 -3.15
C ILE B 367 -30.81 13.51 -2.14
N ALA B 368 -30.33 12.33 -2.50
CA ALA B 368 -30.43 11.15 -1.64
C ALA B 368 -29.64 11.32 -0.35
N VAL B 369 -28.41 11.81 -0.47
CA VAL B 369 -27.56 12.06 0.69
C VAL B 369 -28.18 13.08 1.62
N PHE B 370 -28.59 14.22 1.06
CA PHE B 370 -29.18 15.29 1.84
C PHE B 370 -30.42 14.81 2.59
N LEU B 371 -31.25 14.03 1.90
CA LEU B 371 -32.50 13.56 2.47
C LEU B 371 -32.27 12.49 3.52
N SER B 372 -31.42 11.52 3.20
CA SER B 372 -31.13 10.43 4.11
C SER B 372 -30.51 10.96 5.41
N ASN B 373 -29.57 11.89 5.27
CA ASN B 373 -28.93 12.49 6.43
C ASN B 373 -29.90 13.31 7.28
N TYR B 374 -30.81 14.01 6.62
CA TYR B 374 -31.85 14.77 7.30
C TYR B 374 -32.72 13.83 8.14
N LEU B 375 -33.20 12.76 7.52
CA LEU B 375 -34.04 11.78 8.20
C LEU B 375 -33.33 11.18 9.41
N ILE B 376 -32.05 10.85 9.24
CA ILE B 376 -31.26 10.30 10.34
C ILE B 376 -30.98 11.38 11.39
N LEU B 377 -30.82 12.61 10.94
CA LEU B 377 -30.58 13.72 11.87
C LEU B 377 -31.82 14.04 12.71
N ASP B 378 -33.01 13.87 12.14
CA ASP B 378 -34.23 14.21 12.89
C ASP B 378 -34.42 13.29 14.10
N GLY B 379 -33.85 12.09 14.03
CA GLY B 379 -33.76 11.22 15.19
C GLY B 379 -34.84 10.17 15.34
N GLU B 380 -36.03 10.43 14.80
CA GLU B 380 -37.14 9.51 14.95
C GLU B 380 -37.74 9.15 13.59
N SER B 381 -37.72 7.86 13.27
CA SER B 381 -38.29 7.37 12.03
C SER B 381 -39.69 6.83 12.25
N ASN B 382 -40.41 6.61 11.16
CA ASN B 382 -41.69 5.92 11.19
C ASN B 382 -41.87 5.14 9.91
N TRP B 383 -42.92 4.33 9.84
CA TRP B 383 -43.13 3.48 8.66
C TRP B 383 -43.41 4.30 7.39
N LEU B 384 -44.03 5.47 7.56
CA LEU B 384 -44.36 6.31 6.41
C LEU B 384 -43.11 6.89 5.76
N GLU B 385 -42.14 7.31 6.57
CA GLU B 385 -40.86 7.76 6.04
C GLU B 385 -40.26 6.64 5.19
N GLY B 386 -40.46 5.40 5.65
CA GLY B 386 -39.98 4.24 4.95
C GLY B 386 -40.58 4.07 3.56
N VAL B 387 -41.91 4.09 3.47
CA VAL B 387 -42.56 3.89 2.19
C VAL B 387 -42.26 5.05 1.23
N MET B 388 -42.05 6.24 1.78
CA MET B 388 -41.74 7.40 0.96
C MET B 388 -40.31 7.36 0.48
N SER B 389 -39.41 6.92 1.35
CA SER B 389 -38.01 6.72 0.97
C SER B 389 -37.90 5.59 -0.05
N LEU B 390 -38.67 4.53 0.16
CA LEU B 390 -38.69 3.40 -0.75
C LEU B 390 -39.29 3.80 -2.10
N ALA B 391 -40.37 4.57 -2.06
CA ALA B 391 -41.04 5.02 -3.28
C ALA B 391 -40.11 5.93 -4.07
N MET B 392 -39.36 6.78 -3.37
CA MET B 392 -38.44 7.69 -4.02
C MET B 392 -37.33 6.92 -4.73
N TYR B 393 -36.87 5.86 -4.10
CA TYR B 393 -35.86 4.99 -4.74
C TYR B 393 -36.44 4.37 -6.01
N ILE B 394 -37.72 4.01 -5.95
CA ILE B 394 -38.41 3.46 -7.11
C ILE B 394 -38.50 4.51 -8.22
N LEU B 395 -38.88 5.73 -7.84
CA LEU B 395 -38.98 6.83 -8.79
C LEU B 395 -37.63 7.12 -9.45
N ILE B 396 -36.57 7.02 -8.67
CA ILE B 396 -35.22 7.20 -9.18
C ILE B 396 -34.86 6.09 -10.18
N ALA B 397 -35.15 4.85 -9.80
CA ALA B 397 -34.90 3.71 -10.68
C ALA B 397 -35.76 3.81 -11.93
N MET B 398 -36.96 4.35 -11.77
CA MET B 398 -37.88 4.55 -12.89
C MET B 398 -37.29 5.56 -13.86
N ALA B 399 -36.75 6.64 -13.32
CA ALA B 399 -36.14 7.68 -14.15
C ALA B 399 -34.89 7.17 -14.87
N PHE B 400 -34.12 6.32 -14.19
CA PHE B 400 -32.91 5.77 -14.79
C PHE B 400 -33.20 4.71 -15.85
N PHE B 401 -34.40 4.13 -15.80
CA PHE B 401 -34.85 3.23 -16.85
C PHE B 401 -35.03 4.01 -18.15
N TYR B 402 -35.52 5.25 -18.02
CA TYR B 402 -35.75 6.10 -19.18
C TYR B 402 -34.50 6.86 -19.62
N TYR B 403 -33.42 6.69 -18.86
CA TYR B 403 -32.17 7.38 -19.17
C TYR B 403 -31.58 6.85 -20.48
N PRO B 404 -31.22 7.77 -21.39
CA PRO B 404 -30.74 7.43 -22.73
C PRO B 404 -29.46 6.61 -22.73
N ASP B 405 -29.38 5.64 -23.64
CA ASP B 405 -28.20 4.79 -23.77
C ASP B 405 -26.99 5.59 -24.21
#